data_2N5X
#
_entry.id   2N5X
#
_entity_poly.entity_id   1
_entity_poly.type   'polypeptide(L)'
_entity_poly.pdbx_seq_one_letter_code
;GHMGPGGLDPVEVYESLPEELQKCFDVKDVQMLQDAISKMDPTDAKYHMQRCIDSGLWVPNSKASEAKEGEEAGPGDPLL
EAVPKTGDEKDVSV
;
_entity_poly.pdbx_strand_id   A
#
# COMPACT_ATOMS: atom_id res chain seq x y z
N GLY A 1 -16.61 5.21 5.47
CA GLY A 1 -17.25 4.86 6.72
C GLY A 1 -16.46 3.81 7.49
N HIS A 2 -15.88 2.86 6.77
CA HIS A 2 -15.09 1.79 7.39
C HIS A 2 -13.72 1.69 6.76
N MET A 3 -12.76 2.43 7.30
CA MET A 3 -11.40 2.42 6.79
C MET A 3 -10.55 1.40 7.53
N GLY A 4 -10.02 0.42 6.79
CA GLY A 4 -9.19 -0.60 7.41
C GLY A 4 -8.08 -1.06 6.48
N PRO A 5 -8.44 -1.88 5.48
CA PRO A 5 -7.48 -2.41 4.51
C PRO A 5 -6.94 -1.34 3.57
N GLY A 6 -6.07 -1.75 2.64
CA GLY A 6 -5.50 -0.81 1.71
C GLY A 6 -4.77 0.33 2.39
N GLY A 7 -3.85 -0.02 3.29
CA GLY A 7 -3.09 1.00 4.00
C GLY A 7 -1.59 0.77 3.94
N LEU A 8 -1.03 0.87 2.74
CA LEU A 8 0.39 0.66 2.55
C LEU A 8 1.08 1.97 2.17
N ASP A 9 2.31 2.15 2.69
CA ASP A 9 3.07 3.36 2.40
C ASP A 9 4.01 3.15 1.21
N PRO A 10 4.39 4.25 0.56
CA PRO A 10 5.29 4.21 -0.60
C PRO A 10 6.71 3.81 -0.22
N VAL A 11 7.20 4.34 0.89
CA VAL A 11 8.55 4.03 1.36
C VAL A 11 8.66 2.58 1.77
N GLU A 12 7.61 2.05 2.39
CA GLU A 12 7.61 0.66 2.84
C GLU A 12 7.76 -0.29 1.65
N VAL A 13 7.02 -0.02 0.58
CA VAL A 13 7.07 -0.85 -0.62
C VAL A 13 8.42 -0.74 -1.30
N TYR A 14 8.93 0.49 -1.41
CA TYR A 14 10.21 0.73 -2.05
C TYR A 14 11.34 -0.01 -1.31
N GLU A 15 11.34 0.12 0.02
CA GLU A 15 12.35 -0.53 0.84
C GLU A 15 12.11 -2.04 0.91
N SER A 16 10.88 -2.45 0.62
CA SER A 16 10.52 -3.87 0.64
C SER A 16 10.69 -4.50 -0.73
N LEU A 17 11.50 -3.86 -1.57
CA LEU A 17 11.73 -4.36 -2.92
C LEU A 17 13.21 -4.69 -3.13
N PRO A 18 13.50 -5.53 -4.13
CA PRO A 18 14.88 -5.94 -4.46
C PRO A 18 15.70 -4.80 -5.03
N GLU A 19 17.01 -4.86 -4.84
CA GLU A 19 17.91 -3.83 -5.35
C GLU A 19 17.58 -3.48 -6.80
N GLU A 20 17.19 -4.49 -7.57
CA GLU A 20 16.85 -4.30 -8.97
C GLU A 20 15.63 -3.39 -9.11
N LEU A 21 14.62 -3.64 -8.29
CA LEU A 21 13.40 -2.84 -8.32
C LEU A 21 13.67 -1.40 -7.92
N GLN A 22 14.44 -1.22 -6.84
CA GLN A 22 14.78 0.11 -6.36
C GLN A 22 15.57 0.88 -7.40
N LYS A 23 16.46 0.18 -8.10
CA LYS A 23 17.29 0.80 -9.13
C LYS A 23 16.46 1.15 -10.36
N CYS A 24 15.44 0.33 -10.64
CA CYS A 24 14.58 0.55 -11.78
C CYS A 24 13.75 1.82 -11.61
N PHE A 25 13.25 2.02 -10.39
CA PHE A 25 12.43 3.19 -10.08
C PHE A 25 13.28 4.47 -10.13
N ASP A 26 14.53 4.36 -9.72
CA ASP A 26 15.44 5.49 -9.73
C ASP A 26 15.63 6.04 -11.14
N VAL A 27 15.69 5.14 -12.11
CA VAL A 27 15.87 5.53 -13.51
C VAL A 27 14.53 5.84 -14.17
N LYS A 28 13.49 5.98 -13.35
CA LYS A 28 12.15 6.28 -13.85
C LYS A 28 11.91 5.58 -15.18
N ASP A 29 12.52 4.42 -15.36
CA ASP A 29 12.37 3.65 -16.59
C ASP A 29 11.26 2.61 -16.44
N VAL A 30 10.02 3.03 -16.66
CA VAL A 30 8.88 2.13 -16.54
C VAL A 30 9.01 0.95 -17.51
N GLN A 31 9.51 1.24 -18.71
CA GLN A 31 9.69 0.20 -19.72
C GLN A 31 10.56 -0.93 -19.20
N MET A 32 11.64 -0.57 -18.51
CA MET A 32 12.56 -1.55 -17.95
C MET A 32 11.89 -2.36 -16.84
N LEU A 33 11.03 -1.70 -16.07
CA LEU A 33 10.33 -2.36 -14.97
C LEU A 33 9.38 -3.42 -15.50
N GLN A 34 8.65 -3.09 -16.56
CA GLN A 34 7.70 -4.02 -17.17
C GLN A 34 8.43 -5.25 -17.71
N ASP A 35 9.64 -5.04 -18.20
CA ASP A 35 10.44 -6.13 -18.76
C ASP A 35 10.84 -7.12 -17.67
N ALA A 36 11.21 -6.60 -16.50
CA ALA A 36 11.61 -7.44 -15.37
C ALA A 36 10.48 -8.39 -14.98
N ILE A 37 9.25 -7.92 -15.08
CA ILE A 37 8.09 -8.72 -14.73
C ILE A 37 7.88 -9.85 -15.73
N SER A 38 8.11 -9.55 -17.00
CA SER A 38 7.95 -10.55 -18.06
C SER A 38 8.77 -11.79 -17.77
N LYS A 39 9.86 -11.62 -17.03
CA LYS A 39 10.74 -12.72 -16.67
C LYS A 39 10.28 -13.40 -15.38
N MET A 40 9.74 -12.60 -14.47
CA MET A 40 9.25 -13.13 -13.19
C MET A 40 7.94 -13.86 -13.37
N ASP A 41 7.50 -14.56 -12.32
CA ASP A 41 6.26 -15.31 -12.37
C ASP A 41 5.06 -14.37 -12.43
N PRO A 42 3.90 -14.92 -12.86
CA PRO A 42 2.66 -14.14 -12.96
C PRO A 42 2.10 -13.77 -11.60
N THR A 43 2.12 -14.71 -10.67
CA THR A 43 1.61 -14.48 -9.32
C THR A 43 2.47 -13.47 -8.57
N ASP A 44 3.78 -13.61 -8.71
CA ASP A 44 4.73 -12.71 -8.05
C ASP A 44 4.62 -11.31 -8.61
N ALA A 45 4.43 -11.22 -9.93
CA ALA A 45 4.32 -9.92 -10.60
C ALA A 45 3.07 -9.18 -10.13
N LYS A 46 1.97 -9.90 -10.01
CA LYS A 46 0.71 -9.31 -9.57
C LYS A 46 0.83 -8.74 -8.16
N TYR A 47 1.61 -9.41 -7.32
CA TYR A 47 1.81 -8.97 -5.94
C TYR A 47 2.62 -7.69 -5.89
N HIS A 48 3.69 -7.65 -6.69
CA HIS A 48 4.56 -6.47 -6.74
C HIS A 48 3.80 -5.26 -7.27
N MET A 49 3.04 -5.46 -8.35
CA MET A 49 2.27 -4.39 -8.95
C MET A 49 1.18 -3.90 -8.01
N GLN A 50 0.58 -4.83 -7.27
CA GLN A 50 -0.48 -4.50 -6.33
C GLN A 50 0.05 -3.63 -5.19
N ARG A 51 1.30 -3.87 -4.80
CA ARG A 51 1.93 -3.12 -3.72
C ARG A 51 2.19 -1.68 -4.17
N CYS A 52 2.67 -1.52 -5.39
CA CYS A 52 2.97 -0.20 -5.93
C CYS A 52 1.71 0.64 -6.06
N ILE A 53 0.64 0.01 -6.56
CA ILE A 53 -0.63 0.69 -6.73
C ILE A 53 -1.27 1.03 -5.39
N ASP A 54 -1.25 0.07 -4.47
CA ASP A 54 -1.82 0.27 -3.15
C ASP A 54 -1.01 1.29 -2.35
N SER A 55 0.28 1.39 -2.67
CA SER A 55 1.17 2.32 -1.98
C SER A 55 1.33 3.60 -2.78
N GLY A 56 0.70 3.65 -3.94
CA GLY A 56 0.79 4.83 -4.79
C GLY A 56 2.21 5.27 -5.03
N LEU A 57 3.13 4.30 -5.06
CA LEU A 57 4.54 4.60 -5.28
C LEU A 57 4.81 4.82 -6.77
N TRP A 58 4.18 4.02 -7.61
CA TRP A 58 4.35 4.13 -9.06
C TRP A 58 3.01 4.24 -9.76
N VAL A 59 2.98 4.99 -10.87
CA VAL A 59 1.75 5.17 -11.63
C VAL A 59 1.85 4.50 -13.00
N PRO A 60 1.70 3.16 -13.01
CA PRO A 60 1.77 2.37 -14.24
C PRO A 60 0.57 2.61 -15.15
N ASN A 61 0.78 3.42 -16.19
CA ASN A 61 -0.29 3.73 -17.14
C ASN A 61 -1.52 4.27 -16.42
N SER A 62 -2.60 4.45 -17.16
CA SER A 62 -3.85 4.96 -16.60
C SER A 62 -4.87 3.83 -16.43
N LYS A 63 -6.06 4.20 -15.97
CA LYS A 63 -7.13 3.23 -15.76
C LYS A 63 -6.68 2.11 -14.82
N ALA A 64 -6.05 2.51 -13.71
CA ALA A 64 -5.57 1.54 -12.73
C ALA A 64 -5.08 2.25 -11.47
N SER A 65 -6.02 2.78 -10.68
CA SER A 65 -5.66 3.48 -9.45
C SER A 65 -6.57 3.04 -8.31
N GLU A 66 -6.00 2.98 -7.11
CA GLU A 66 -6.75 2.57 -5.92
C GLU A 66 -7.29 1.15 -6.09
N ALA A 67 -6.40 0.18 -6.05
CA ALA A 67 -6.78 -1.22 -6.20
C ALA A 67 -7.89 -1.58 -5.22
N LYS A 68 -9.03 -2.01 -5.75
CA LYS A 68 -10.17 -2.40 -4.93
C LYS A 68 -10.16 -3.90 -4.65
N GLU A 69 -11.25 -4.39 -4.08
CA GLU A 69 -11.38 -5.82 -3.77
C GLU A 69 -10.19 -6.29 -2.94
N GLY A 70 -10.09 -7.60 -2.75
CA GLY A 70 -9.00 -8.16 -1.98
C GLY A 70 -9.42 -8.54 -0.58
N GLU A 71 -8.83 -9.62 -0.05
CA GLU A 71 -9.15 -10.09 1.29
C GLU A 71 -8.81 -9.03 2.34
N GLU A 72 -9.84 -8.55 3.04
CA GLU A 72 -9.65 -7.53 4.07
C GLU A 72 -9.40 -8.18 5.42
N ALA A 73 -9.11 -7.36 6.42
CA ALA A 73 -8.85 -7.84 7.77
C ALA A 73 -9.20 -6.79 8.82
N GLY A 74 -8.75 -5.56 8.59
CA GLY A 74 -9.03 -4.48 9.51
C GLY A 74 -7.81 -3.61 9.76
N PRO A 75 -8.04 -2.43 10.36
CA PRO A 75 -6.96 -1.48 10.66
C PRO A 75 -6.05 -1.98 11.78
N GLY A 76 -6.65 -2.44 12.87
CA GLY A 76 -5.88 -2.94 14.00
C GLY A 76 -5.66 -1.88 15.07
N ASP A 77 -6.72 -1.59 15.82
CA ASP A 77 -6.64 -0.59 16.88
C ASP A 77 -7.95 -0.52 17.66
N PRO A 78 -8.21 -1.55 18.48
CA PRO A 78 -9.43 -1.62 19.29
C PRO A 78 -9.45 -0.58 20.41
N LEU A 79 -8.35 -0.50 21.15
CA LEU A 79 -8.24 0.46 22.25
C LEU A 79 -9.27 0.16 23.34
N LEU A 80 -8.93 -0.78 24.21
CA LEU A 80 -9.82 -1.18 25.30
C LEU A 80 -9.14 -2.18 26.22
N GLU A 81 -9.04 -1.85 27.50
CA GLU A 81 -8.42 -2.72 28.48
C GLU A 81 -9.46 -3.28 29.45
N ALA A 82 -9.91 -2.43 30.37
CA ALA A 82 -10.91 -2.83 31.35
C ALA A 82 -11.28 -1.66 32.27
N VAL A 83 -11.32 -0.46 31.70
CA VAL A 83 -11.66 0.74 32.45
C VAL A 83 -11.70 1.96 31.56
N PRO A 84 -12.77 2.77 31.69
CA PRO A 84 -12.95 3.99 30.90
C PRO A 84 -11.96 5.08 31.27
N LYS A 85 -11.01 5.34 30.39
CA LYS A 85 -10.00 6.37 30.62
C LYS A 85 -10.65 7.69 31.01
N THR A 86 -11.24 8.37 30.03
CA THR A 86 -11.89 9.65 30.28
C THR A 86 -12.51 10.20 28.99
N GLY A 87 -13.45 11.12 29.15
CA GLY A 87 -14.09 11.72 27.99
C GLY A 87 -14.54 13.14 28.24
N ASP A 88 -15.28 13.71 27.29
CA ASP A 88 -15.77 15.08 27.41
C ASP A 88 -17.11 15.10 28.14
N GLU A 89 -17.17 14.46 29.30
CA GLU A 89 -18.39 14.42 30.09
C GLU A 89 -18.67 15.77 30.74
N LYS A 90 -17.61 16.55 30.96
CA LYS A 90 -17.75 17.86 31.57
C LYS A 90 -18.28 17.75 33.00
N ASP A 91 -18.10 18.80 33.78
CA ASP A 91 -18.55 18.82 35.16
C ASP A 91 -19.94 19.46 35.27
N VAL A 92 -20.64 19.51 34.14
CA VAL A 92 -21.99 20.09 34.11
C VAL A 92 -21.95 21.56 34.50
N SER A 93 -21.99 22.43 33.49
CA SER A 93 -21.96 23.87 33.73
C SER A 93 -20.67 24.28 34.44
N VAL A 94 -19.68 24.68 33.66
CA VAL A 94 -18.40 25.10 34.22
C VAL A 94 -17.57 25.87 33.19
N GLY A 1 -12.42 -10.08 3.53
CA GLY A 1 -11.35 -10.47 2.63
C GLY A 1 -11.88 -10.96 1.29
N HIS A 2 -11.79 -10.11 0.28
CA HIS A 2 -12.26 -10.47 -1.06
C HIS A 2 -11.69 -9.52 -2.11
N MET A 3 -11.79 -9.92 -3.38
CA MET A 3 -11.27 -9.11 -4.47
C MET A 3 -11.63 -9.74 -5.82
N GLY A 4 -11.30 -11.01 -5.99
CA GLY A 4 -11.58 -11.69 -7.23
C GLY A 4 -10.38 -12.42 -7.79
N PRO A 5 -10.63 -13.30 -8.78
CA PRO A 5 -9.56 -14.08 -9.42
C PRO A 5 -8.65 -13.21 -10.29
N GLY A 6 -7.45 -13.72 -10.57
CA GLY A 6 -6.51 -12.98 -11.39
C GLY A 6 -5.24 -13.76 -11.66
N GLY A 7 -5.23 -14.49 -12.78
CA GLY A 7 -4.07 -15.28 -13.14
C GLY A 7 -3.03 -14.47 -13.90
N LEU A 8 -2.20 -13.75 -13.17
CA LEU A 8 -1.17 -12.92 -13.78
C LEU A 8 0.22 -13.49 -13.47
N ASP A 9 1.09 -13.49 -14.48
CA ASP A 9 2.44 -14.00 -14.32
C ASP A 9 3.41 -12.87 -13.98
N PRO A 10 4.52 -13.22 -13.31
CA PRO A 10 5.54 -12.25 -12.92
C PRO A 10 6.32 -11.70 -14.10
N VAL A 11 6.60 -12.58 -15.07
CA VAL A 11 7.34 -12.18 -16.27
C VAL A 11 6.53 -11.19 -17.11
N GLU A 12 5.23 -11.44 -17.21
CA GLU A 12 4.34 -10.58 -17.98
C GLU A 12 4.34 -9.16 -17.43
N VAL A 13 4.24 -9.06 -16.11
CA VAL A 13 4.22 -7.76 -15.44
C VAL A 13 5.56 -7.05 -15.58
N TYR A 14 6.64 -7.80 -15.39
CA TYR A 14 7.98 -7.24 -15.49
C TYR A 14 8.23 -6.68 -16.89
N GLU A 15 7.88 -7.46 -17.90
CA GLU A 15 8.07 -7.05 -19.29
C GLU A 15 7.06 -5.96 -19.68
N SER A 16 5.97 -5.88 -18.92
CA SER A 16 4.93 -4.89 -19.17
C SER A 16 5.17 -3.62 -18.37
N LEU A 17 6.42 -3.43 -17.94
CA LEU A 17 6.79 -2.25 -17.16
C LEU A 17 7.84 -1.43 -17.90
N PRO A 18 7.96 -0.15 -17.50
CA PRO A 18 8.94 0.77 -18.11
C PRO A 18 10.38 0.42 -17.75
N GLU A 19 11.31 0.80 -18.61
CA GLU A 19 12.72 0.53 -18.38
C GLU A 19 13.12 0.88 -16.96
N GLU A 20 12.58 1.99 -16.45
CA GLU A 20 12.88 2.44 -15.09
C GLU A 20 12.42 1.41 -14.07
N LEU A 21 11.23 0.85 -14.28
CA LEU A 21 10.67 -0.14 -13.36
C LEU A 21 11.52 -1.41 -13.37
N GLN A 22 11.86 -1.88 -14.56
CA GLN A 22 12.67 -3.09 -14.70
C GLN A 22 14.04 -2.90 -14.08
N LYS A 23 14.60 -1.70 -14.24
CA LYS A 23 15.91 -1.39 -13.68
C LYS A 23 15.86 -1.28 -12.17
N CYS A 24 14.73 -0.79 -11.66
CA CYS A 24 14.55 -0.63 -10.22
C CYS A 24 14.49 -1.99 -9.52
N PHE A 25 13.79 -2.93 -10.14
CA PHE A 25 13.65 -4.27 -9.58
C PHE A 25 14.98 -5.01 -9.62
N ASP A 26 15.76 -4.76 -10.66
CA ASP A 26 17.06 -5.40 -10.83
C ASP A 26 17.98 -5.06 -9.65
N VAL A 27 17.90 -3.81 -9.19
CA VAL A 27 18.73 -3.37 -8.09
C VAL A 27 18.07 -3.66 -6.75
N LYS A 28 17.06 -4.52 -6.78
CA LYS A 28 16.35 -4.91 -5.56
C LYS A 28 16.25 -3.73 -4.59
N ASP A 29 16.19 -2.52 -5.14
CA ASP A 29 16.09 -1.32 -4.33
C ASP A 29 14.63 -0.89 -4.18
N VAL A 30 13.93 -1.49 -3.23
CA VAL A 30 12.54 -1.17 -2.97
C VAL A 30 12.37 0.31 -2.63
N GLN A 31 13.31 0.83 -1.86
CA GLN A 31 13.26 2.24 -1.45
C GLN A 31 13.19 3.15 -2.67
N MET A 32 13.97 2.83 -3.69
CA MET A 32 14.00 3.63 -4.92
C MET A 32 12.66 3.52 -5.67
N LEU A 33 12.07 2.33 -5.62
CA LEU A 33 10.79 2.09 -6.30
C LEU A 33 9.69 2.93 -5.67
N GLN A 34 9.66 2.97 -4.35
CA GLN A 34 8.66 3.74 -3.63
C GLN A 34 8.77 5.23 -3.95
N ASP A 35 9.99 5.69 -4.18
CA ASP A 35 10.24 7.08 -4.50
C ASP A 35 9.63 7.45 -5.86
N ALA A 36 9.75 6.54 -6.82
CA ALA A 36 9.22 6.77 -8.16
C ALA A 36 7.70 6.91 -8.12
N ILE A 37 7.07 6.22 -7.19
CA ILE A 37 5.62 6.28 -7.05
C ILE A 37 5.17 7.64 -6.54
N SER A 38 5.94 8.20 -5.61
CA SER A 38 5.62 9.50 -5.03
C SER A 38 5.52 10.57 -6.12
N LYS A 39 6.21 10.34 -7.24
CA LYS A 39 6.19 11.28 -8.35
C LYS A 39 5.04 10.96 -9.31
N MET A 40 4.74 9.68 -9.45
CA MET A 40 3.67 9.24 -10.33
C MET A 40 2.30 9.51 -9.71
N ASP A 41 1.25 9.36 -10.50
CA ASP A 41 -0.11 9.59 -10.03
C ASP A 41 -0.55 8.48 -9.07
N PRO A 42 -1.59 8.75 -8.28
CA PRO A 42 -2.12 7.78 -7.32
C PRO A 42 -2.84 6.62 -8.00
N THR A 43 -3.61 6.93 -9.05
CA THR A 43 -4.33 5.90 -9.79
C THR A 43 -3.38 4.98 -10.53
N ASP A 44 -2.35 5.56 -11.14
CA ASP A 44 -1.37 4.79 -11.88
C ASP A 44 -0.55 3.89 -10.95
N ALA A 45 -0.23 4.42 -9.77
CA ALA A 45 0.54 3.67 -8.79
C ALA A 45 -0.23 2.46 -8.29
N LYS A 46 -1.52 2.64 -8.05
CA LYS A 46 -2.38 1.57 -7.57
C LYS A 46 -2.45 0.44 -8.58
N TYR A 47 -2.45 0.80 -9.86
CA TYR A 47 -2.51 -0.19 -10.94
C TYR A 47 -1.22 -1.00 -11.00
N HIS A 48 -0.10 -0.32 -10.91
CA HIS A 48 1.21 -0.97 -10.96
C HIS A 48 1.39 -1.90 -9.76
N MET A 49 1.04 -1.41 -8.58
CA MET A 49 1.16 -2.19 -7.36
C MET A 49 0.24 -3.41 -7.40
N GLN A 50 -0.95 -3.24 -7.95
CA GLN A 50 -1.92 -4.32 -8.05
C GLN A 50 -1.40 -5.43 -8.95
N ARG A 51 -0.67 -5.05 -10.00
CA ARG A 51 -0.12 -6.02 -10.94
C ARG A 51 0.99 -6.83 -10.29
N CYS A 52 1.85 -6.15 -9.54
CA CYS A 52 2.96 -6.82 -8.86
C CYS A 52 2.46 -7.80 -7.82
N ILE A 53 1.42 -7.40 -7.08
CA ILE A 53 0.84 -8.24 -6.05
C ILE A 53 0.13 -9.44 -6.66
N ASP A 54 -0.65 -9.19 -7.70
CA ASP A 54 -1.39 -10.25 -8.38
C ASP A 54 -0.44 -11.23 -9.05
N SER A 55 0.73 -10.74 -9.46
CA SER A 55 1.72 -11.57 -10.13
C SER A 55 2.80 -12.01 -9.15
N GLY A 56 2.67 -11.57 -7.89
CA GLY A 56 3.64 -11.94 -6.89
C GLY A 56 5.07 -11.67 -7.32
N LEU A 57 5.25 -10.63 -8.13
CA LEU A 57 6.57 -10.27 -8.63
C LEU A 57 7.40 -9.59 -7.54
N TRP A 58 6.76 -8.69 -6.80
CA TRP A 58 7.44 -7.97 -5.72
C TRP A 58 6.66 -8.09 -4.42
N VAL A 59 7.37 -8.05 -3.29
CA VAL A 59 6.74 -8.13 -1.99
C VAL A 59 6.84 -6.81 -1.23
N PRO A 60 5.97 -5.86 -1.58
CA PRO A 60 5.94 -4.54 -0.96
C PRO A 60 5.44 -4.59 0.48
N ASN A 61 5.64 -3.50 1.22
CA ASN A 61 5.21 -3.43 2.60
C ASN A 61 3.98 -2.54 2.75
N SER A 62 3.99 -1.40 2.06
CA SER A 62 2.88 -0.46 2.11
C SER A 62 1.62 -1.09 1.52
N LYS A 63 0.52 -0.34 1.57
CA LYS A 63 -0.76 -0.82 1.05
C LYS A 63 -1.23 -2.06 1.80
N ALA A 64 -2.41 -2.55 1.45
CA ALA A 64 -2.98 -3.73 2.08
C ALA A 64 -2.34 -5.01 1.53
N SER A 65 -2.27 -5.10 0.20
CA SER A 65 -1.69 -6.27 -0.44
C SER A 65 -2.49 -7.52 -0.13
N GLU A 66 -2.23 -8.60 -0.87
CA GLU A 66 -2.93 -9.86 -0.67
C GLU A 66 -1.97 -11.04 -0.72
N ALA A 67 -0.86 -10.92 0.01
CA ALA A 67 0.14 -11.97 0.05
C ALA A 67 0.00 -12.81 1.31
N LYS A 68 0.20 -14.12 1.17
CA LYS A 68 0.10 -15.04 2.30
C LYS A 68 1.01 -16.25 2.10
N GLU A 69 2.10 -16.30 2.87
CA GLU A 69 3.05 -17.40 2.77
C GLU A 69 3.30 -18.02 4.15
N GLY A 70 2.23 -18.19 4.91
CA GLY A 70 2.35 -18.77 6.24
C GLY A 70 1.04 -18.75 7.01
N GLU A 71 0.84 -17.71 7.80
CA GLU A 71 -0.39 -17.57 8.59
C GLU A 71 -0.60 -16.13 9.03
N GLU A 72 -1.61 -15.91 9.86
CA GLU A 72 -1.92 -14.58 10.36
C GLU A 72 -2.52 -14.64 11.76
N ALA A 73 -2.30 -13.59 12.54
CA ALA A 73 -2.82 -13.53 13.91
C ALA A 73 -4.10 -12.70 13.96
N GLY A 74 -4.08 -11.54 13.34
CA GLY A 74 -5.24 -10.68 13.33
C GLY A 74 -5.07 -9.45 14.19
N PRO A 75 -4.21 -8.52 13.74
CA PRO A 75 -3.93 -7.28 14.48
C PRO A 75 -5.11 -6.32 14.47
N GLY A 76 -4.99 -5.23 15.21
CA GLY A 76 -6.06 -4.24 15.28
C GLY A 76 -5.61 -2.93 15.89
N ASP A 77 -6.43 -2.38 16.78
CA ASP A 77 -6.11 -1.12 17.43
C ASP A 77 -5.97 0.00 16.42
N PRO A 78 -7.12 0.44 15.86
CA PRO A 78 -7.14 1.53 14.87
C PRO A 78 -6.80 2.88 15.47
N LEU A 79 -7.18 3.08 16.73
CA LEU A 79 -6.90 4.33 17.42
C LEU A 79 -7.47 5.52 16.65
N LEU A 80 -8.79 5.67 16.68
CA LEU A 80 -9.46 6.77 15.98
C LEU A 80 -10.64 7.28 16.78
N GLU A 81 -10.48 7.31 18.11
CA GLU A 81 -11.54 7.80 18.98
C GLU A 81 -11.13 9.10 19.67
N ALA A 82 -10.01 9.06 20.38
CA ALA A 82 -9.50 10.22 21.08
C ALA A 82 -10.47 10.67 22.18
N VAL A 83 -10.16 11.80 22.82
CA VAL A 83 -10.99 12.33 23.88
C VAL A 83 -11.04 13.85 23.84
N PRO A 84 -12.26 14.41 23.95
CA PRO A 84 -12.46 15.87 23.93
C PRO A 84 -11.93 16.54 25.18
N LYS A 85 -12.18 15.92 26.33
CA LYS A 85 -11.72 16.46 27.61
C LYS A 85 -12.34 17.84 27.86
N THR A 86 -13.44 17.86 28.59
CA THR A 86 -14.12 19.12 28.91
C THR A 86 -14.96 18.98 30.17
N GLY A 87 -15.12 20.09 30.89
CA GLY A 87 -15.91 20.08 32.11
C GLY A 87 -16.30 21.47 32.56
N ASP A 88 -17.53 21.87 32.21
CA ASP A 88 -18.03 23.19 32.59
C ASP A 88 -18.72 23.14 33.95
N GLU A 89 -17.97 22.75 34.98
CA GLU A 89 -18.50 22.66 36.33
C GLU A 89 -18.91 24.04 36.84
N LYS A 90 -18.28 25.07 36.30
CA LYS A 90 -18.56 26.45 36.72
C LYS A 90 -19.89 26.91 36.13
N ASP A 91 -20.96 26.71 36.89
CA ASP A 91 -22.29 27.13 36.44
C ASP A 91 -22.60 28.55 36.89
N VAL A 92 -21.78 29.08 37.80
CA VAL A 92 -21.96 30.43 38.31
C VAL A 92 -21.61 31.47 37.24
N SER A 93 -22.38 32.56 37.21
CA SER A 93 -22.15 33.62 36.24
C SER A 93 -21.96 34.96 36.94
N VAL A 94 -22.95 35.35 37.74
CA VAL A 94 -22.89 36.62 38.46
C VAL A 94 -23.80 36.59 39.68
N GLY A 1 -12.51 -22.22 -18.66
CA GLY A 1 -12.81 -21.72 -19.99
C GLY A 1 -11.63 -21.78 -20.91
N HIS A 2 -11.09 -20.61 -21.27
CA HIS A 2 -9.93 -20.53 -22.17
C HIS A 2 -8.70 -20.07 -21.41
N MET A 3 -7.72 -20.95 -21.28
CA MET A 3 -6.47 -20.62 -20.58
C MET A 3 -6.75 -20.32 -19.11
N GLY A 4 -5.68 -20.04 -18.37
CA GLY A 4 -5.82 -19.73 -16.96
C GLY A 4 -4.67 -18.90 -16.42
N PRO A 5 -4.67 -17.60 -16.79
CA PRO A 5 -3.62 -16.67 -16.35
C PRO A 5 -3.71 -16.35 -14.88
N GLY A 6 -4.92 -16.02 -14.41
CA GLY A 6 -5.12 -15.69 -13.01
C GLY A 6 -4.57 -16.76 -12.09
N GLY A 7 -4.04 -16.34 -10.94
CA GLY A 7 -3.50 -17.28 -9.98
C GLY A 7 -2.11 -16.89 -9.51
N LEU A 8 -1.99 -15.66 -9.00
CA LEU A 8 -0.71 -15.16 -8.51
C LEU A 8 -0.73 -15.02 -7.00
N ASP A 9 0.34 -15.46 -6.34
CA ASP A 9 0.45 -15.37 -4.90
C ASP A 9 1.19 -14.10 -4.49
N PRO A 10 0.90 -13.61 -3.27
CA PRO A 10 1.52 -12.40 -2.73
C PRO A 10 3.00 -12.60 -2.41
N VAL A 11 3.32 -13.73 -1.80
CA VAL A 11 4.69 -14.05 -1.44
C VAL A 11 5.58 -14.12 -2.67
N GLU A 12 5.05 -14.70 -3.75
CA GLU A 12 5.80 -14.83 -5.00
C GLU A 12 6.17 -13.46 -5.55
N VAL A 13 5.20 -12.55 -5.56
CA VAL A 13 5.43 -11.20 -6.06
C VAL A 13 6.38 -10.42 -5.15
N TYR A 14 6.17 -10.54 -3.85
CA TYR A 14 7.01 -9.85 -2.88
C TYR A 14 8.47 -10.29 -3.00
N GLU A 15 8.68 -11.59 -3.09
CA GLU A 15 10.03 -12.14 -3.23
C GLU A 15 10.59 -11.89 -4.61
N SER A 16 9.70 -11.62 -5.57
CA SER A 16 10.11 -11.37 -6.95
C SER A 16 10.26 -9.87 -7.19
N LEU A 17 10.44 -9.11 -6.11
CA LEU A 17 10.61 -7.67 -6.21
C LEU A 17 11.97 -7.24 -5.68
N PRO A 18 12.44 -6.05 -6.12
CA PRO A 18 13.73 -5.50 -5.70
C PRO A 18 13.73 -5.07 -4.24
N GLU A 19 14.91 -5.07 -3.63
CA GLU A 19 15.04 -4.68 -2.23
C GLU A 19 14.29 -3.38 -1.96
N GLU A 20 14.26 -2.50 -2.94
CA GLU A 20 13.58 -1.22 -2.81
C GLU A 20 12.08 -1.42 -2.59
N LEU A 21 11.50 -2.32 -3.37
CA LEU A 21 10.07 -2.61 -3.27
C LEU A 21 9.75 -3.35 -1.97
N GLN A 22 10.58 -4.33 -1.64
CA GLN A 22 10.40 -5.11 -0.43
C GLN A 22 10.50 -4.22 0.81
N LYS A 23 11.46 -3.31 0.79
CA LYS A 23 11.67 -2.39 1.91
C LYS A 23 10.55 -1.36 1.98
N CYS A 24 9.99 -1.01 0.83
CA CYS A 24 8.92 -0.03 0.76
C CYS A 24 7.64 -0.57 1.41
N PHE A 25 7.36 -1.84 1.15
CA PHE A 25 6.17 -2.48 1.72
C PHE A 25 6.29 -2.62 3.24
N ASP A 26 7.51 -2.88 3.70
CA ASP A 26 7.76 -3.04 5.13
C ASP A 26 7.41 -1.77 5.88
N VAL A 27 7.71 -0.62 5.28
CA VAL A 27 7.42 0.67 5.89
C VAL A 27 6.01 1.13 5.59
N LYS A 28 5.19 0.21 5.08
CA LYS A 28 3.80 0.51 4.75
C LYS A 28 3.66 1.94 4.23
N ASP A 29 4.70 2.42 3.57
CA ASP A 29 4.71 3.77 3.01
C ASP A 29 4.30 3.76 1.55
N VAL A 30 2.99 3.74 1.30
CA VAL A 30 2.47 3.73 -0.06
C VAL A 30 2.96 4.95 -0.84
N GLN A 31 3.02 6.09 -0.17
CA GLN A 31 3.46 7.32 -0.81
C GLN A 31 4.84 7.15 -1.44
N MET A 32 5.73 6.48 -0.71
CA MET A 32 7.09 6.25 -1.19
C MET A 32 7.08 5.29 -2.38
N LEU A 33 6.18 4.31 -2.34
CA LEU A 33 6.08 3.34 -3.43
C LEU A 33 5.65 4.01 -4.73
N GLN A 34 4.68 4.92 -4.63
CA GLN A 34 4.19 5.64 -5.80
C GLN A 34 5.31 6.40 -6.49
N ASP A 35 6.26 6.88 -5.69
CA ASP A 35 7.40 7.63 -6.21
C ASP A 35 8.26 6.75 -7.11
N ALA A 36 8.46 5.51 -6.70
CA ALA A 36 9.28 4.57 -7.46
C ALA A 36 8.66 4.31 -8.84
N ILE A 37 7.34 4.27 -8.89
CA ILE A 37 6.63 4.03 -10.14
C ILE A 37 6.64 5.28 -11.03
N SER A 38 6.48 6.43 -10.40
CA SER A 38 6.46 7.70 -11.12
C SER A 38 7.81 7.96 -11.78
N LYS A 39 8.87 7.52 -11.13
CA LYS A 39 10.23 7.71 -11.65
C LYS A 39 10.61 6.57 -12.58
N MET A 40 10.06 5.38 -12.33
CA MET A 40 10.34 4.21 -13.15
C MET A 40 9.66 4.32 -14.51
N ASP A 41 10.00 3.41 -15.41
CA ASP A 41 9.43 3.40 -16.74
C ASP A 41 7.94 3.07 -16.70
N PRO A 42 7.21 3.42 -17.77
CA PRO A 42 5.78 3.17 -17.86
C PRO A 42 5.44 1.69 -18.01
N THR A 43 6.19 1.02 -18.88
CA THR A 43 5.99 -0.41 -19.12
C THR A 43 6.33 -1.23 -17.88
N ASP A 44 7.42 -0.86 -17.22
CA ASP A 44 7.87 -1.56 -16.02
C ASP A 44 6.87 -1.36 -14.87
N ALA A 45 6.33 -0.15 -14.78
CA ALA A 45 5.37 0.17 -13.73
C ALA A 45 4.08 -0.63 -13.90
N LYS A 46 3.62 -0.74 -15.15
CA LYS A 46 2.40 -1.49 -15.45
C LYS A 46 2.55 -2.95 -15.07
N TYR A 47 3.75 -3.49 -15.27
CA TYR A 47 4.02 -4.90 -14.95
C TYR A 47 4.00 -5.12 -13.44
N HIS A 48 4.64 -4.21 -12.70
CA HIS A 48 4.70 -4.31 -11.25
C HIS A 48 3.31 -4.16 -10.64
N MET A 49 2.54 -3.21 -11.14
CA MET A 49 1.19 -2.96 -10.64
C MET A 49 0.29 -4.16 -10.92
N GLN A 50 0.44 -4.75 -12.11
CA GLN A 50 -0.36 -5.90 -12.50
C GLN A 50 -0.09 -7.09 -11.57
N ARG A 51 1.17 -7.23 -11.15
CA ARG A 51 1.55 -8.32 -10.27
C ARG A 51 0.98 -8.11 -8.87
N CYS A 52 1.04 -6.88 -8.38
CA CYS A 52 0.54 -6.56 -7.05
C CYS A 52 -0.97 -6.74 -6.99
N ILE A 53 -1.66 -6.34 -8.05
CA ILE A 53 -3.11 -6.46 -8.11
C ILE A 53 -3.54 -7.93 -8.16
N ASP A 54 -2.86 -8.70 -9.01
CA ASP A 54 -3.16 -10.12 -9.15
C ASP A 54 -2.78 -10.90 -7.90
N SER A 55 -1.77 -10.39 -7.19
CA SER A 55 -1.30 -11.03 -5.97
C SER A 55 -1.89 -10.35 -4.74
N GLY A 56 -2.80 -9.41 -4.96
CA GLY A 56 -3.41 -8.69 -3.86
C GLY A 56 -2.39 -8.13 -2.89
N LEU A 57 -1.20 -7.85 -3.39
CA LEU A 57 -0.12 -7.30 -2.56
C LEU A 57 -0.31 -5.81 -2.33
N TRP A 58 -0.83 -5.12 -3.35
CA TRP A 58 -1.07 -3.68 -3.26
C TRP A 58 -2.50 -3.34 -3.66
N VAL A 59 -3.07 -2.33 -3.01
CA VAL A 59 -4.43 -1.91 -3.30
C VAL A 59 -4.44 -0.74 -4.29
N PRO A 60 -5.08 -0.96 -5.44
CA PRO A 60 -5.18 0.06 -6.49
C PRO A 60 -6.09 1.22 -6.09
N ASN A 61 -6.34 2.13 -7.03
CA ASN A 61 -7.19 3.28 -6.78
C ASN A 61 -8.61 3.03 -7.29
N SER A 62 -9.42 4.09 -7.30
CA SER A 62 -10.80 3.99 -7.76
C SER A 62 -10.86 3.91 -9.28
N LYS A 63 -10.44 2.78 -9.83
CA LYS A 63 -10.45 2.57 -11.27
C LYS A 63 -10.97 1.18 -11.62
N ALA A 64 -12.15 0.85 -11.09
CA ALA A 64 -12.76 -0.45 -11.36
C ALA A 64 -11.84 -1.58 -10.93
N SER A 65 -11.10 -1.38 -9.85
CA SER A 65 -10.17 -2.38 -9.35
C SER A 65 -10.34 -2.58 -7.84
N GLU A 66 -9.66 -3.58 -7.30
CA GLU A 66 -9.75 -3.88 -5.87
C GLU A 66 -8.81 -5.02 -5.50
N ALA A 67 -9.12 -6.22 -5.98
CA ALA A 67 -8.31 -7.39 -5.71
C ALA A 67 -8.30 -7.71 -4.21
N LYS A 68 -7.49 -8.69 -3.83
CA LYS A 68 -7.39 -9.09 -2.42
C LYS A 68 -6.55 -8.09 -1.64
N GLU A 69 -7.00 -7.77 -0.43
CA GLU A 69 -6.30 -6.82 0.42
C GLU A 69 -5.35 -7.55 1.37
N GLY A 70 -4.23 -6.89 1.70
CA GLY A 70 -3.26 -7.49 2.59
C GLY A 70 -1.98 -6.68 2.69
N GLU A 71 -1.51 -6.45 3.90
CA GLU A 71 -0.29 -5.68 4.12
C GLU A 71 0.09 -5.67 5.60
N GLU A 72 1.30 -5.20 5.88
CA GLU A 72 1.79 -5.14 7.26
C GLU A 72 1.16 -3.98 8.01
N ALA A 73 0.68 -4.26 9.22
CA ALA A 73 0.07 -3.23 10.05
C ALA A 73 1.12 -2.45 10.84
N GLY A 74 1.81 -3.13 11.75
CA GLY A 74 2.82 -2.48 12.55
C GLY A 74 2.27 -1.37 13.40
N PRO A 75 3.06 -0.91 14.38
CA PRO A 75 2.65 0.17 15.29
C PRO A 75 2.59 1.52 14.59
N GLY A 76 1.62 2.34 14.98
CA GLY A 76 1.46 3.65 14.39
C GLY A 76 0.34 4.44 15.01
N ASP A 77 0.07 5.63 14.47
CA ASP A 77 -1.00 6.48 14.97
C ASP A 77 -0.88 6.66 16.49
N PRO A 78 0.20 7.32 16.93
CA PRO A 78 0.45 7.56 18.35
C PRO A 78 -0.53 8.56 18.95
N LEU A 79 -0.70 9.70 18.28
CA LEU A 79 -1.61 10.74 18.75
C LEU A 79 -2.68 11.03 17.71
N LEU A 80 -2.31 11.77 16.67
CA LEU A 80 -3.25 12.12 15.61
C LEU A 80 -4.54 12.70 16.18
N GLU A 81 -4.54 14.01 16.40
CA GLU A 81 -5.72 14.68 16.94
C GLU A 81 -5.96 14.27 18.39
N ALA A 82 -6.52 13.07 18.57
CA ALA A 82 -6.81 12.55 19.90
C ALA A 82 -7.60 13.56 20.73
N VAL A 83 -7.74 13.28 22.01
CA VAL A 83 -8.47 14.17 22.91
C VAL A 83 -7.83 15.55 22.96
N PRO A 84 -8.64 16.56 23.31
CA PRO A 84 -8.17 17.95 23.41
C PRO A 84 -7.24 18.16 24.60
N LYS A 85 -6.12 18.82 24.35
CA LYS A 85 -5.14 19.10 25.40
C LYS A 85 -5.05 20.60 25.70
N THR A 86 -4.67 21.36 24.69
CA THR A 86 -4.55 22.82 24.83
C THR A 86 -5.90 23.45 25.15
N GLY A 87 -5.87 24.62 25.80
CA GLY A 87 -7.10 25.31 26.14
C GLY A 87 -6.84 26.60 26.89
N ASP A 88 -7.90 27.18 27.43
CA ASP A 88 -7.78 28.42 28.18
C ASP A 88 -8.19 28.23 29.65
N GLU A 89 -7.24 28.44 30.55
CA GLU A 89 -7.50 28.29 31.97
C GLU A 89 -8.36 29.44 32.50
N LYS A 90 -8.29 30.58 31.82
CA LYS A 90 -9.05 31.75 32.23
C LYS A 90 -10.27 31.94 31.31
N ASP A 91 -11.43 31.47 31.78
CA ASP A 91 -12.66 31.60 31.01
C ASP A 91 -13.43 32.84 31.41
N VAL A 92 -12.74 33.79 32.05
CA VAL A 92 -13.37 35.03 32.48
C VAL A 92 -14.45 34.75 33.52
N SER A 93 -14.10 34.93 34.79
CA SER A 93 -15.05 34.70 35.88
C SER A 93 -16.33 35.49 35.66
N VAL A 94 -17.47 34.79 35.73
CA VAL A 94 -18.77 35.43 35.54
C VAL A 94 -19.90 34.44 35.81
N GLY A 1 -14.32 -14.91 -22.85
CA GLY A 1 -13.44 -14.44 -21.79
C GLY A 1 -11.99 -14.75 -22.06
N HIS A 2 -11.67 -16.03 -22.20
CA HIS A 2 -10.31 -16.46 -22.46
C HIS A 2 -9.36 -15.96 -21.37
N MET A 3 -9.61 -16.38 -20.14
CA MET A 3 -8.77 -15.97 -19.02
C MET A 3 -8.98 -14.50 -18.70
N GLY A 4 -8.38 -13.64 -19.53
CA GLY A 4 -8.51 -12.20 -19.32
C GLY A 4 -7.32 -11.43 -19.87
N PRO A 5 -7.46 -10.10 -19.93
CA PRO A 5 -6.41 -9.22 -20.44
C PRO A 5 -5.21 -9.15 -19.50
N GLY A 6 -4.13 -9.82 -19.88
CA GLY A 6 -2.93 -9.81 -19.05
C GLY A 6 -1.85 -10.73 -19.61
N GLY A 7 -0.88 -11.09 -18.75
CA GLY A 7 0.19 -11.96 -19.18
C GLY A 7 1.56 -11.39 -18.84
N LEU A 8 1.72 -10.95 -17.59
CA LEU A 8 2.99 -10.39 -17.14
C LEU A 8 3.66 -11.30 -16.14
N ASP A 9 4.99 -11.40 -16.22
CA ASP A 9 5.76 -12.23 -15.30
C ASP A 9 6.25 -11.43 -14.11
N PRO A 10 6.55 -12.14 -13.01
CA PRO A 10 7.04 -11.51 -11.77
C PRO A 10 8.45 -10.95 -11.92
N VAL A 11 9.32 -11.71 -12.58
CA VAL A 11 10.70 -11.30 -12.79
C VAL A 11 10.77 -10.08 -13.71
N GLU A 12 9.90 -10.05 -14.71
CA GLU A 12 9.87 -8.94 -15.66
C GLU A 12 9.54 -7.64 -14.95
N VAL A 13 8.55 -7.67 -14.07
CA VAL A 13 8.14 -6.49 -13.32
C VAL A 13 9.22 -6.06 -12.35
N TYR A 14 9.80 -7.02 -11.65
CA TYR A 14 10.86 -6.74 -10.68
C TYR A 14 12.06 -6.09 -11.35
N GLU A 15 12.48 -6.67 -12.48
CA GLU A 15 13.63 -6.14 -13.22
C GLU A 15 13.26 -4.84 -13.93
N SER A 16 11.96 -4.63 -14.13
CA SER A 16 11.48 -3.43 -14.81
C SER A 16 11.16 -2.33 -13.80
N LEU A 17 11.74 -2.45 -12.61
CA LEU A 17 11.51 -1.46 -11.55
C LEU A 17 12.82 -0.79 -11.15
N PRO A 18 12.71 0.40 -10.52
CA PRO A 18 13.88 1.16 -10.06
C PRO A 18 14.60 0.50 -8.90
N GLU A 19 15.89 0.76 -8.77
CA GLU A 19 16.69 0.19 -7.70
C GLU A 19 15.97 0.30 -6.36
N GLU A 20 15.28 1.42 -6.17
CA GLU A 20 14.55 1.66 -4.92
C GLU A 20 13.45 0.63 -4.74
N LEU A 21 12.72 0.35 -5.81
CA LEU A 21 11.64 -0.62 -5.76
C LEU A 21 12.17 -2.02 -5.47
N GLN A 22 13.23 -2.40 -6.18
CA GLN A 22 13.84 -3.71 -5.99
C GLN A 22 14.37 -3.88 -4.56
N LYS A 23 14.93 -2.80 -4.03
CA LYS A 23 15.48 -2.81 -2.67
C LYS A 23 14.36 -2.88 -1.64
N CYS A 24 13.24 -2.24 -1.94
CA CYS A 24 12.09 -2.23 -1.03
C CYS A 24 11.49 -3.62 -0.91
N PHE A 25 11.39 -4.33 -2.02
CA PHE A 25 10.82 -5.68 -2.03
C PHE A 25 11.75 -6.65 -1.30
N ASP A 26 13.05 -6.43 -1.43
CA ASP A 26 14.03 -7.29 -0.79
C ASP A 26 13.88 -7.27 0.73
N VAL A 27 13.56 -6.09 1.27
CA VAL A 27 13.36 -5.94 2.71
C VAL A 27 11.94 -6.27 3.12
N LYS A 28 11.20 -6.91 2.20
CA LYS A 28 9.82 -7.28 2.47
C LYS A 28 9.12 -6.24 3.33
N ASP A 29 9.53 -4.99 3.18
CA ASP A 29 8.95 -3.89 3.95
C ASP A 29 7.82 -3.22 3.17
N VAL A 30 6.62 -3.80 3.25
CA VAL A 30 5.47 -3.26 2.55
C VAL A 30 5.18 -1.83 2.99
N GLN A 31 5.34 -1.56 4.28
CA GLN A 31 5.10 -0.23 4.82
C GLN A 31 5.96 0.81 4.11
N MET A 32 7.22 0.47 3.87
CA MET A 32 8.15 1.37 3.20
C MET A 32 7.74 1.60 1.75
N LEU A 33 7.23 0.54 1.12
CA LEU A 33 6.80 0.63 -0.27
C LEU A 33 5.62 1.58 -0.43
N GLN A 34 4.67 1.48 0.49
CA GLN A 34 3.49 2.33 0.45
C GLN A 34 3.88 3.80 0.63
N ASP A 35 4.92 4.04 1.41
CA ASP A 35 5.40 5.40 1.65
C ASP A 35 5.96 6.01 0.37
N ALA A 36 6.69 5.22 -0.39
CA ALA A 36 7.29 5.68 -1.64
C ALA A 36 6.22 6.13 -2.62
N ILE A 37 5.07 5.47 -2.58
CA ILE A 37 3.96 5.80 -3.47
C ILE A 37 3.36 7.16 -3.12
N SER A 38 3.27 7.44 -1.82
CA SER A 38 2.71 8.71 -1.35
C SER A 38 3.48 9.89 -1.94
N LYS A 39 4.74 9.66 -2.28
CA LYS A 39 5.57 10.69 -2.85
C LYS A 39 5.43 10.74 -4.38
N MET A 40 5.25 9.56 -4.97
CA MET A 40 5.09 9.46 -6.42
C MET A 40 3.71 9.94 -6.85
N ASP A 41 3.53 10.09 -8.16
CA ASP A 41 2.25 10.54 -8.71
C ASP A 41 1.20 9.43 -8.61
N PRO A 42 -0.08 9.81 -8.70
CA PRO A 42 -1.20 8.87 -8.63
C PRO A 42 -1.27 7.97 -9.86
N THR A 43 -1.06 8.54 -11.03
CA THR A 43 -1.11 7.79 -12.28
C THR A 43 0.04 6.80 -12.35
N ASP A 44 1.23 7.23 -11.94
CA ASP A 44 2.40 6.36 -11.97
C ASP A 44 2.27 5.22 -10.97
N ALA A 45 1.69 5.53 -9.81
CA ALA A 45 1.49 4.54 -8.76
C ALA A 45 0.52 3.45 -9.21
N LYS A 46 -0.54 3.85 -9.90
CA LYS A 46 -1.55 2.91 -10.39
C LYS A 46 -0.94 1.95 -11.39
N TYR A 47 0.00 2.44 -12.20
CA TYR A 47 0.66 1.62 -13.20
C TYR A 47 1.58 0.59 -12.54
N HIS A 48 2.34 1.03 -11.56
CA HIS A 48 3.25 0.15 -10.84
C HIS A 48 2.50 -0.92 -10.08
N MET A 49 1.43 -0.50 -9.40
CA MET A 49 0.62 -1.44 -8.62
C MET A 49 -0.08 -2.44 -9.52
N GLN A 50 -0.52 -1.99 -10.69
CA GLN A 50 -1.18 -2.86 -11.64
C GLN A 50 -0.23 -3.94 -12.16
N ARG A 51 1.03 -3.58 -12.32
CA ARG A 51 2.04 -4.52 -12.81
C ARG A 51 2.33 -5.58 -11.76
N CYS A 52 2.43 -5.18 -10.51
CA CYS A 52 2.71 -6.09 -9.41
C CYS A 52 1.57 -7.10 -9.25
N ILE A 53 0.34 -6.60 -9.34
CA ILE A 53 -0.83 -7.44 -9.19
C ILE A 53 -0.97 -8.41 -10.36
N ASP A 54 -0.78 -7.90 -11.57
CA ASP A 54 -0.87 -8.72 -12.77
C ASP A 54 0.27 -9.72 -12.83
N SER A 55 1.40 -9.37 -12.23
CA SER A 55 2.57 -10.24 -12.22
C SER A 55 2.66 -11.01 -10.92
N GLY A 56 1.69 -10.80 -10.04
CA GLY A 56 1.66 -11.48 -8.76
C GLY A 56 3.00 -11.40 -8.03
N LEU A 57 3.69 -10.27 -8.22
CA LEU A 57 4.98 -10.06 -7.58
C LEU A 57 4.81 -9.75 -6.09
N TRP A 58 3.87 -8.86 -5.78
CA TRP A 58 3.61 -8.49 -4.39
C TRP A 58 2.13 -8.63 -4.07
N VAL A 59 1.83 -8.90 -2.81
CA VAL A 59 0.45 -9.07 -2.36
C VAL A 59 0.02 -7.93 -1.44
N PRO A 60 -0.30 -6.77 -2.04
CA PRO A 60 -0.72 -5.59 -1.29
C PRO A 60 -2.10 -5.76 -0.66
N ASN A 61 -2.61 -4.68 -0.07
CA ASN A 61 -3.91 -4.72 0.58
C ASN A 61 -5.01 -5.07 -0.42
N SER A 62 -4.91 -4.51 -1.62
CA SER A 62 -5.89 -4.76 -2.67
C SER A 62 -7.24 -4.13 -2.32
N LYS A 63 -7.96 -4.77 -1.40
CA LYS A 63 -9.27 -4.28 -0.97
C LYS A 63 -10.29 -4.41 -2.10
N ALA A 64 -10.21 -3.54 -3.09
CA ALA A 64 -11.12 -3.58 -4.22
C ALA A 64 -10.40 -3.94 -5.51
N SER A 65 -9.64 -5.03 -5.47
CA SER A 65 -8.88 -5.47 -6.63
C SER A 65 -9.07 -6.97 -6.85
N GLU A 66 -8.32 -7.53 -7.79
CA GLU A 66 -8.40 -8.95 -8.10
C GLU A 66 -7.38 -9.74 -7.30
N ALA A 67 -7.30 -9.45 -6.00
CA ALA A 67 -6.36 -10.14 -5.12
C ALA A 67 -6.57 -11.65 -5.17
N LYS A 68 -5.47 -12.39 -5.26
CA LYS A 68 -5.54 -13.84 -5.32
C LYS A 68 -4.54 -14.47 -4.34
N GLU A 69 -4.91 -15.60 -3.76
CA GLU A 69 -4.04 -16.30 -2.81
C GLU A 69 -3.65 -15.38 -1.66
N GLY A 70 -4.62 -14.58 -1.19
CA GLY A 70 -4.36 -13.67 -0.10
C GLY A 70 -5.11 -12.36 -0.24
N GLU A 71 -5.71 -11.90 0.86
CA GLU A 71 -6.45 -10.66 0.84
C GLU A 71 -6.50 -10.03 2.24
N GLU A 72 -6.96 -8.79 2.31
CA GLU A 72 -7.05 -8.08 3.58
C GLU A 72 -8.23 -7.12 3.59
N ALA A 73 -9.31 -7.53 4.24
CA ALA A 73 -10.51 -6.69 4.33
C ALA A 73 -10.71 -6.15 5.73
N GLY A 74 -11.28 -4.96 5.82
CA GLY A 74 -11.52 -4.34 7.12
C GLY A 74 -12.10 -2.94 7.00
N PRO A 75 -12.60 -2.41 8.13
CA PRO A 75 -13.19 -1.07 8.17
C PRO A 75 -12.16 0.03 8.01
N GLY A 76 -11.07 -0.07 8.77
CA GLY A 76 -10.01 0.91 8.69
C GLY A 76 -9.59 1.43 10.05
N ASP A 77 -9.79 2.71 10.30
CA ASP A 77 -9.43 3.33 11.57
C ASP A 77 -7.96 3.09 11.89
N PRO A 78 -7.08 3.76 11.13
CA PRO A 78 -5.63 3.65 11.30
C PRO A 78 -5.15 4.29 12.60
N LEU A 79 -4.90 5.60 12.55
CA LEU A 79 -4.44 6.33 13.73
C LEU A 79 -4.79 7.81 13.61
N LEU A 80 -6.07 8.09 13.37
CA LEU A 80 -6.54 9.47 13.24
C LEU A 80 -7.10 9.98 14.57
N GLU A 81 -6.45 9.62 15.67
CA GLU A 81 -6.88 10.04 16.99
C GLU A 81 -5.80 10.86 17.69
N ALA A 82 -5.63 12.10 17.23
CA ALA A 82 -4.63 12.98 17.81
C ALA A 82 -5.26 13.96 18.78
N VAL A 83 -6.19 13.47 19.60
CA VAL A 83 -6.87 14.30 20.58
C VAL A 83 -6.95 13.60 21.93
N PRO A 84 -5.80 13.47 22.60
CA PRO A 84 -5.72 12.82 23.91
C PRO A 84 -6.37 13.64 25.02
N LYS A 85 -6.67 13.00 26.13
CA LYS A 85 -7.30 13.68 27.26
C LYS A 85 -6.28 14.50 28.04
N THR A 86 -5.70 15.50 27.39
CA THR A 86 -4.70 16.36 28.01
C THR A 86 -5.30 17.71 28.39
N GLY A 87 -5.61 17.88 29.67
CA GLY A 87 -6.18 19.14 30.13
C GLY A 87 -7.62 18.98 30.57
N ASP A 88 -8.12 19.98 31.29
CA ASP A 88 -9.50 19.96 31.77
C ASP A 88 -9.93 21.34 32.26
N GLU A 89 -11.20 21.67 32.03
CA GLU A 89 -11.74 22.96 32.44
C GLU A 89 -11.88 23.04 33.96
N LYS A 90 -12.02 21.87 34.60
CA LYS A 90 -12.16 21.81 36.04
C LYS A 90 -10.83 21.48 36.71
N ASP A 91 -10.15 22.50 37.20
CA ASP A 91 -8.87 22.32 37.86
C ASP A 91 -9.04 22.19 39.37
N VAL A 92 -10.26 21.87 39.80
CA VAL A 92 -10.56 21.72 41.21
C VAL A 92 -10.39 23.04 41.95
N SER A 93 -11.50 23.67 42.31
CA SER A 93 -11.48 24.94 43.03
C SER A 93 -10.83 26.03 42.18
N VAL A 94 -11.66 26.88 41.58
CA VAL A 94 -11.17 27.96 40.73
C VAL A 94 -10.43 29.01 41.55
N GLY A 1 -3.03 -4.25 -22.69
CA GLY A 1 -3.99 -4.00 -21.63
C GLY A 1 -4.83 -5.21 -21.31
N HIS A 2 -5.65 -5.11 -20.27
CA HIS A 2 -6.52 -6.21 -19.86
C HIS A 2 -5.70 -7.47 -19.59
N MET A 3 -4.58 -7.30 -18.89
CA MET A 3 -3.72 -8.42 -18.55
C MET A 3 -4.35 -9.30 -17.48
N GLY A 4 -4.82 -8.67 -16.41
CA GLY A 4 -5.45 -9.41 -15.33
C GLY A 4 -6.80 -8.83 -14.94
N PRO A 5 -7.45 -9.47 -13.94
CA PRO A 5 -8.75 -9.03 -13.45
C PRO A 5 -8.68 -7.71 -12.69
N GLY A 6 -9.36 -6.69 -13.22
CA GLY A 6 -9.36 -5.40 -12.58
C GLY A 6 -9.35 -4.25 -13.58
N GLY A 7 -9.76 -3.07 -13.13
CA GLY A 7 -9.79 -1.92 -14.01
C GLY A 7 -8.72 -0.91 -13.67
N LEU A 8 -7.46 -1.29 -13.86
CA LEU A 8 -6.33 -0.41 -13.57
C LEU A 8 -5.65 0.04 -14.86
N ASP A 9 -5.30 1.31 -14.94
CA ASP A 9 -4.63 1.86 -16.11
C ASP A 9 -3.12 1.85 -15.92
N PRO A 10 -2.38 1.84 -17.04
CA PRO A 10 -0.92 1.83 -17.03
C PRO A 10 -0.33 3.15 -16.54
N VAL A 11 -0.86 4.25 -17.06
CA VAL A 11 -0.38 5.58 -16.68
C VAL A 11 -0.56 5.81 -15.18
N GLU A 12 -1.67 5.32 -14.64
CA GLU A 12 -1.97 5.48 -13.22
C GLU A 12 -0.89 4.80 -12.37
N VAL A 13 -0.52 3.58 -12.75
CA VAL A 13 0.49 2.83 -12.03
C VAL A 13 1.86 3.49 -12.15
N TYR A 14 2.20 3.92 -13.35
CA TYR A 14 3.49 4.57 -13.60
C TYR A 14 3.63 5.84 -12.75
N GLU A 15 2.57 6.65 -12.73
CA GLU A 15 2.59 7.88 -11.96
C GLU A 15 2.51 7.59 -10.47
N SER A 16 2.04 6.40 -10.12
CA SER A 16 1.91 6.00 -8.73
C SER A 16 3.15 5.25 -8.26
N LEU A 17 4.26 5.43 -8.98
CA LEU A 17 5.51 4.78 -8.64
C LEU A 17 6.57 5.80 -8.24
N PRO A 18 7.59 5.34 -7.51
CA PRO A 18 8.68 6.20 -7.05
C PRO A 18 9.59 6.65 -8.19
N GLU A 19 10.23 7.80 -8.01
CA GLU A 19 11.12 8.35 -9.03
C GLU A 19 12.07 7.28 -9.56
N GLU A 20 12.54 6.42 -8.66
CA GLU A 20 13.45 5.35 -9.03
C GLU A 20 12.78 4.38 -10.01
N LEU A 21 11.54 4.03 -9.73
CA LEU A 21 10.78 3.12 -10.59
C LEU A 21 10.52 3.74 -11.95
N GLN A 22 10.08 5.00 -11.95
CA GLN A 22 9.79 5.71 -13.19
C GLN A 22 11.05 5.85 -14.04
N LYS A 23 12.18 6.09 -13.39
CA LYS A 23 13.45 6.23 -14.09
C LYS A 23 13.93 4.90 -14.63
N CYS A 24 13.63 3.82 -13.91
CA CYS A 24 14.03 2.49 -14.32
C CYS A 24 13.30 2.06 -15.59
N PHE A 25 12.01 2.38 -15.66
CA PHE A 25 11.19 2.03 -16.82
C PHE A 25 11.65 2.80 -18.05
N ASP A 26 12.06 4.05 -17.84
CA ASP A 26 12.52 4.90 -18.94
C ASP A 26 13.73 4.30 -19.63
N VAL A 27 14.62 3.69 -18.83
CA VAL A 27 15.82 3.07 -19.37
C VAL A 27 15.56 1.64 -19.81
N LYS A 28 14.28 1.29 -19.91
CA LYS A 28 13.89 -0.05 -20.32
C LYS A 28 14.87 -1.09 -19.80
N ASP A 29 15.46 -0.82 -18.64
CA ASP A 29 16.43 -1.73 -18.04
C ASP A 29 15.74 -2.67 -17.04
N VAL A 30 15.19 -3.77 -17.55
CA VAL A 30 14.51 -4.74 -16.72
C VAL A 30 15.44 -5.30 -15.65
N GLN A 31 16.69 -5.53 -16.03
CA GLN A 31 17.69 -6.08 -15.11
C GLN A 31 17.84 -5.17 -13.89
N MET A 32 17.86 -3.86 -14.12
CA MET A 32 17.99 -2.90 -13.03
C MET A 32 16.74 -2.91 -12.14
N LEU A 33 15.59 -3.09 -12.76
CA LEU A 33 14.32 -3.12 -12.02
C LEU A 33 14.27 -4.31 -11.08
N GLN A 34 14.72 -5.47 -11.56
CA GLN A 34 14.72 -6.68 -10.75
C GLN A 34 15.62 -6.52 -9.53
N ASP A 35 16.68 -5.74 -9.68
CA ASP A 35 17.62 -5.51 -8.59
C ASP A 35 16.95 -4.74 -7.46
N ALA A 36 16.10 -3.79 -7.82
CA ALA A 36 15.39 -2.98 -6.83
C ALA A 36 14.41 -3.83 -6.02
N ILE A 37 13.81 -4.81 -6.68
CA ILE A 37 12.86 -5.70 -6.03
C ILE A 37 13.56 -6.66 -5.08
N SER A 38 14.74 -7.13 -5.48
CA SER A 38 15.51 -8.06 -4.66
C SER A 38 15.95 -7.40 -3.36
N LYS A 39 16.17 -6.10 -3.41
CA LYS A 39 16.60 -5.34 -2.23
C LYS A 39 15.39 -4.86 -1.44
N MET A 40 14.28 -4.60 -2.15
CA MET A 40 13.06 -4.13 -1.50
C MET A 40 12.39 -5.26 -0.72
N ASP A 41 11.40 -4.90 0.09
CA ASP A 41 10.67 -5.88 0.88
C ASP A 41 9.83 -6.79 0.00
N PRO A 42 9.43 -7.95 0.54
CA PRO A 42 8.62 -8.93 -0.19
C PRO A 42 7.19 -8.44 -0.41
N THR A 43 6.61 -7.83 0.61
CA THR A 43 5.25 -7.32 0.52
C THR A 43 5.16 -6.15 -0.46
N ASP A 44 6.15 -5.27 -0.42
CA ASP A 44 6.19 -4.12 -1.31
C ASP A 44 6.38 -4.55 -2.75
N ALA A 45 7.21 -5.57 -2.96
CA ALA A 45 7.48 -6.08 -4.30
C ALA A 45 6.23 -6.70 -4.90
N LYS A 46 5.49 -7.45 -4.10
CA LYS A 46 4.27 -8.11 -4.56
C LYS A 46 3.23 -7.07 -4.98
N TYR A 47 3.19 -5.95 -4.26
CA TYR A 47 2.24 -4.89 -4.57
C TYR A 47 2.56 -4.24 -5.91
N HIS A 48 3.85 -3.95 -6.13
CA HIS A 48 4.29 -3.33 -7.37
C HIS A 48 4.06 -4.27 -8.57
N MET A 49 4.41 -5.55 -8.38
CA MET A 49 4.24 -6.53 -9.44
C MET A 49 2.76 -6.73 -9.77
N GLN A 50 1.92 -6.75 -8.73
CA GLN A 50 0.49 -6.94 -8.91
C GLN A 50 -0.13 -5.76 -9.66
N ARG A 51 0.39 -4.56 -9.38
CA ARG A 51 -0.11 -3.35 -10.02
C ARG A 51 0.35 -3.28 -11.48
N CYS A 52 1.62 -3.61 -11.72
CA CYS A 52 2.19 -3.57 -13.06
C CYS A 52 1.51 -4.62 -13.95
N ILE A 53 1.09 -5.72 -13.35
CA ILE A 53 0.43 -6.78 -14.09
C ILE A 53 -0.97 -6.37 -14.54
N ASP A 54 -1.72 -5.77 -13.61
CA ASP A 54 -3.08 -5.32 -13.91
C ASP A 54 -3.06 -4.15 -14.89
N SER A 55 -1.97 -3.39 -14.88
CA SER A 55 -1.82 -2.24 -15.75
C SER A 55 -1.08 -2.62 -17.03
N GLY A 56 -0.46 -3.80 -17.03
CA GLY A 56 0.27 -4.26 -18.19
C GLY A 56 1.45 -3.37 -18.53
N LEU A 57 2.03 -2.75 -17.50
CA LEU A 57 3.16 -1.85 -17.70
C LEU A 57 4.47 -2.65 -17.83
N TRP A 58 4.55 -3.75 -17.09
CA TRP A 58 5.73 -4.60 -17.12
C TRP A 58 5.36 -6.04 -17.41
N VAL A 59 6.22 -6.75 -18.14
CA VAL A 59 5.99 -8.14 -18.49
C VAL A 59 7.01 -9.05 -17.82
N PRO A 60 6.56 -9.83 -16.83
CA PRO A 60 7.43 -10.76 -16.09
C PRO A 60 7.86 -11.94 -16.95
N ASN A 61 8.60 -12.88 -16.34
CA ASN A 61 9.08 -14.05 -17.05
C ASN A 61 8.09 -15.21 -16.91
N SER A 62 7.58 -15.39 -15.70
CA SER A 62 6.64 -16.47 -15.42
C SER A 62 5.23 -16.11 -15.94
N LYS A 63 4.34 -17.09 -15.91
CA LYS A 63 2.97 -16.88 -16.37
C LYS A 63 2.11 -16.27 -15.27
N ALA A 64 2.27 -14.97 -15.06
CA ALA A 64 1.51 -14.26 -14.04
C ALA A 64 1.72 -14.89 -12.66
N SER A 65 0.94 -14.43 -11.69
CA SER A 65 1.04 -14.95 -10.33
C SER A 65 -0.29 -14.84 -9.60
N GLU A 66 -0.84 -13.63 -9.56
CA GLU A 66 -2.11 -13.38 -8.89
C GLU A 66 -2.09 -13.89 -7.45
N ALA A 67 -1.57 -13.07 -6.55
CA ALA A 67 -1.50 -13.43 -5.14
C ALA A 67 -2.20 -12.41 -4.26
N LYS A 68 -1.62 -11.20 -4.19
CA LYS A 68 -2.19 -10.13 -3.38
C LYS A 68 -2.25 -10.52 -1.91
N GLU A 69 -2.80 -9.63 -1.08
CA GLU A 69 -2.91 -9.89 0.34
C GLU A 69 -4.36 -9.82 0.79
N GLY A 70 -4.90 -8.61 0.86
CA GLY A 70 -6.27 -8.41 1.28
C GLY A 70 -6.46 -7.16 2.10
N GLU A 71 -7.71 -6.88 2.46
CA GLU A 71 -8.02 -5.69 3.26
C GLU A 71 -9.34 -5.87 4.01
N GLU A 72 -9.40 -5.31 5.22
CA GLU A 72 -10.60 -5.42 6.05
C GLU A 72 -10.75 -4.19 6.92
N ALA A 73 -11.99 -3.90 7.33
CA ALA A 73 -12.28 -2.75 8.17
C ALA A 73 -12.54 -3.19 9.61
N GLY A 74 -12.34 -2.26 10.55
CA GLY A 74 -12.56 -2.56 11.95
C GLY A 74 -13.93 -2.14 12.43
N PRO A 75 -14.33 -2.64 13.61
CA PRO A 75 -15.64 -2.32 14.20
C PRO A 75 -15.72 -0.87 14.68
N GLY A 76 -16.83 -0.22 14.37
CA GLY A 76 -17.02 1.16 14.77
C GLY A 76 -18.12 1.32 15.79
N ASP A 77 -17.79 1.91 16.94
CA ASP A 77 -18.76 2.12 18.00
C ASP A 77 -19.03 3.61 18.20
N PRO A 78 -20.18 3.92 18.83
CA PRO A 78 -20.58 5.31 19.09
C PRO A 78 -19.68 5.98 20.14
N LEU A 79 -19.40 5.27 21.22
CA LEU A 79 -18.55 5.80 22.28
C LEU A 79 -19.14 7.10 22.85
N LEU A 80 -20.40 7.03 23.27
CA LEU A 80 -21.07 8.20 23.83
C LEU A 80 -20.28 8.77 25.00
N GLU A 81 -20.78 9.88 25.56
CA GLU A 81 -20.13 10.51 26.69
C GLU A 81 -20.75 10.06 28.01
N ALA A 82 -19.97 10.17 29.08
CA ALA A 82 -20.44 9.77 30.41
C ALA A 82 -19.44 10.17 31.49
N VAL A 83 -19.90 10.95 32.46
CA VAL A 83 -19.06 11.41 33.55
C VAL A 83 -19.84 12.23 34.56
N PRO A 84 -19.66 11.92 35.86
CA PRO A 84 -20.35 12.63 36.93
C PRO A 84 -19.86 14.05 37.11
N LYS A 85 -20.58 14.83 37.91
CA LYS A 85 -20.21 16.22 38.16
C LYS A 85 -19.80 16.42 39.61
N THR A 86 -18.50 16.62 39.83
CA THR A 86 -17.97 16.82 41.17
C THR A 86 -18.73 17.93 41.89
N GLY A 87 -18.85 17.79 43.21
CA GLY A 87 -19.56 18.78 44.01
C GLY A 87 -18.98 18.93 45.40
N ASP A 88 -19.50 18.15 46.34
CA ASP A 88 -19.03 18.20 47.72
C ASP A 88 -19.19 19.60 48.29
N GLU A 89 -20.32 19.85 48.94
CA GLU A 89 -20.60 21.15 49.54
C GLU A 89 -19.67 21.40 50.74
N LYS A 90 -19.22 20.32 51.36
CA LYS A 90 -18.34 20.43 52.51
C LYS A 90 -18.98 21.28 53.61
N ASP A 91 -19.73 20.63 54.48
CA ASP A 91 -20.40 21.33 55.58
C ASP A 91 -19.51 21.39 56.81
N VAL A 92 -18.44 20.59 56.79
CA VAL A 92 -17.50 20.54 57.91
C VAL A 92 -16.34 21.50 57.69
N SER A 93 -16.22 22.49 58.57
CA SER A 93 -15.15 23.47 58.46
C SER A 93 -13.92 23.03 59.25
N VAL A 94 -12.75 23.46 58.79
CA VAL A 94 -11.50 23.11 59.46
C VAL A 94 -11.27 23.96 60.70
N GLY A 1 -16.08 -19.39 -9.56
CA GLY A 1 -15.04 -18.71 -8.80
C GLY A 1 -15.19 -17.21 -8.82
N HIS A 2 -14.92 -16.57 -7.68
CA HIS A 2 -15.03 -15.12 -7.58
C HIS A 2 -14.64 -14.65 -6.18
N MET A 3 -13.72 -13.69 -6.13
CA MET A 3 -13.25 -13.15 -4.86
C MET A 3 -13.11 -11.63 -4.92
N GLY A 4 -13.03 -11.00 -3.76
CA GLY A 4 -12.89 -9.55 -3.71
C GLY A 4 -11.69 -9.06 -4.49
N PRO A 5 -11.64 -7.75 -4.75
CA PRO A 5 -10.54 -7.12 -5.48
C PRO A 5 -9.25 -7.09 -4.68
N GLY A 6 -8.58 -8.23 -4.63
CA GLY A 6 -7.33 -8.33 -3.89
C GLY A 6 -7.45 -7.80 -2.47
N GLY A 7 -6.95 -6.58 -2.26
CA GLY A 7 -7.01 -5.98 -0.94
C GLY A 7 -5.68 -5.42 -0.49
N LEU A 8 -4.90 -4.92 -1.45
CA LEU A 8 -3.60 -4.35 -1.15
C LEU A 8 -3.59 -2.84 -1.39
N ASP A 9 -2.90 -2.11 -0.51
CA ASP A 9 -2.83 -0.65 -0.63
C ASP A 9 -1.61 -0.25 -1.46
N PRO A 10 -1.70 0.93 -2.09
CA PRO A 10 -0.63 1.46 -2.93
C PRO A 10 0.59 1.88 -2.11
N VAL A 11 0.35 2.62 -1.03
CA VAL A 11 1.43 3.09 -0.17
C VAL A 11 2.20 1.91 0.43
N GLU A 12 1.47 0.85 0.77
CA GLU A 12 2.09 -0.34 1.34
C GLU A 12 3.10 -0.95 0.38
N VAL A 13 2.70 -1.07 -0.89
CA VAL A 13 3.57 -1.64 -1.91
C VAL A 13 4.77 -0.74 -2.19
N TYR A 14 4.51 0.56 -2.28
CA TYR A 14 5.57 1.54 -2.55
C TYR A 14 6.61 1.51 -1.44
N GLU A 15 6.15 1.50 -0.20
CA GLU A 15 7.04 1.48 0.96
C GLU A 15 7.71 0.11 1.11
N SER A 16 7.10 -0.91 0.50
CA SER A 16 7.63 -2.26 0.56
C SER A 16 8.52 -2.55 -0.65
N LEU A 17 9.02 -1.49 -1.28
CA LEU A 17 9.88 -1.63 -2.44
C LEU A 17 11.29 -1.11 -2.15
N PRO A 18 12.27 -1.58 -2.92
CA PRO A 18 13.67 -1.16 -2.76
C PRO A 18 13.90 0.28 -3.19
N GLU A 19 14.91 0.92 -2.60
CA GLU A 19 15.23 2.30 -2.93
C GLU A 19 15.25 2.52 -4.44
N GLU A 20 15.69 1.50 -5.17
CA GLU A 20 15.76 1.57 -6.62
C GLU A 20 14.37 1.75 -7.23
N LEU A 21 13.42 0.96 -6.74
CA LEU A 21 12.04 1.02 -7.23
C LEU A 21 11.41 2.36 -6.88
N GLN A 22 11.59 2.80 -5.64
CA GLN A 22 11.04 4.07 -5.20
C GLN A 22 11.58 5.23 -6.01
N LYS A 23 12.86 5.15 -6.36
CA LYS A 23 13.50 6.19 -7.14
C LYS A 23 13.03 6.16 -8.59
N CYS A 24 12.78 4.96 -9.10
CA CYS A 24 12.32 4.79 -10.47
C CYS A 24 10.89 5.33 -10.63
N PHE A 25 10.05 5.04 -9.64
CA PHE A 25 8.66 5.48 -9.68
C PHE A 25 8.57 7.00 -9.57
N ASP A 26 9.47 7.59 -8.79
CA ASP A 26 9.50 9.03 -8.61
C ASP A 26 9.73 9.74 -9.94
N VAL A 27 10.60 9.17 -10.77
CA VAL A 27 10.90 9.75 -12.07
C VAL A 27 9.90 9.30 -13.13
N LYS A 28 8.81 8.69 -12.68
CA LYS A 28 7.77 8.22 -13.58
C LYS A 28 8.37 7.71 -14.89
N ASP A 29 9.59 7.17 -14.80
CA ASP A 29 10.28 6.64 -15.97
C ASP A 29 10.11 5.13 -16.08
N VAL A 30 9.00 4.71 -16.67
CA VAL A 30 8.71 3.29 -16.83
C VAL A 30 9.81 2.59 -17.62
N GLN A 31 10.34 3.27 -18.63
CA GLN A 31 11.40 2.72 -19.46
C GLN A 31 12.57 2.25 -18.61
N MET A 32 12.94 3.07 -17.63
CA MET A 32 14.05 2.73 -16.73
C MET A 32 13.70 1.54 -15.86
N LEU A 33 12.44 1.46 -15.45
CA LEU A 33 11.98 0.36 -14.60
C LEU A 33 12.07 -0.98 -15.34
N GLN A 34 11.68 -0.98 -16.61
CA GLN A 34 11.72 -2.18 -17.42
C GLN A 34 13.13 -2.78 -17.43
N ASP A 35 14.13 -1.92 -17.36
CA ASP A 35 15.52 -2.35 -17.36
C ASP A 35 15.84 -3.16 -16.11
N ALA A 36 15.32 -2.71 -14.97
CA ALA A 36 15.55 -3.39 -13.72
C ALA A 36 14.88 -4.77 -13.70
N ILE A 37 13.73 -4.87 -14.35
CA ILE A 37 13.00 -6.12 -14.42
C ILE A 37 13.65 -7.09 -15.39
N SER A 38 14.14 -6.57 -16.50
CA SER A 38 14.80 -7.39 -17.52
C SER A 38 16.08 -8.02 -16.97
N LYS A 39 16.75 -7.29 -16.08
CA LYS A 39 17.98 -7.77 -15.48
C LYS A 39 17.70 -8.59 -14.22
N MET A 40 16.58 -8.28 -13.57
CA MET A 40 16.19 -8.99 -12.35
C MET A 40 15.66 -10.38 -12.68
N ASP A 41 15.50 -11.20 -11.66
CA ASP A 41 15.00 -12.56 -11.83
C ASP A 41 13.55 -12.56 -12.29
N PRO A 42 13.11 -13.67 -12.90
CA PRO A 42 11.74 -13.82 -13.39
C PRO A 42 10.72 -13.90 -12.26
N THR A 43 11.04 -14.68 -11.23
CA THR A 43 10.16 -14.84 -10.09
C THR A 43 10.01 -13.54 -9.31
N ASP A 44 11.13 -12.83 -9.14
CA ASP A 44 11.13 -11.57 -8.41
C ASP A 44 10.33 -10.51 -9.17
N ALA A 45 10.45 -10.51 -10.49
CA ALA A 45 9.75 -9.55 -11.34
C ALA A 45 8.24 -9.78 -11.27
N LYS A 46 7.82 -11.04 -11.32
CA LYS A 46 6.42 -11.40 -11.27
C LYS A 46 5.79 -10.96 -9.94
N TYR A 47 6.57 -11.07 -8.87
CA TYR A 47 6.10 -10.69 -7.55
C TYR A 47 5.88 -9.18 -7.46
N HIS A 48 6.83 -8.41 -7.97
CA HIS A 48 6.73 -6.96 -7.96
C HIS A 48 5.59 -6.48 -8.83
N MET A 49 5.47 -7.05 -10.02
CA MET A 49 4.41 -6.67 -10.95
C MET A 49 3.04 -7.05 -10.39
N GLN A 50 2.96 -8.22 -9.76
CA GLN A 50 1.71 -8.69 -9.18
C GLN A 50 1.27 -7.79 -8.03
N ARG A 51 2.23 -7.28 -7.28
CA ARG A 51 1.94 -6.40 -6.16
C ARG A 51 1.48 -5.02 -6.65
N CYS A 52 2.17 -4.50 -7.66
CA CYS A 52 1.83 -3.20 -8.21
C CYS A 52 0.45 -3.22 -8.86
N ILE A 53 0.09 -4.37 -9.42
CA ILE A 53 -1.21 -4.52 -10.07
C ILE A 53 -2.34 -4.54 -9.04
N ASP A 54 -2.16 -5.32 -7.98
CA ASP A 54 -3.16 -5.44 -6.93
C ASP A 54 -3.28 -4.13 -6.16
N SER A 55 -2.20 -3.36 -6.12
CA SER A 55 -2.18 -2.08 -5.42
C SER A 55 -2.51 -0.93 -6.37
N GLY A 56 -2.48 -1.22 -7.67
CA GLY A 56 -2.79 -0.19 -8.65
C GLY A 56 -1.81 0.96 -8.60
N LEU A 57 -0.57 0.67 -8.20
CA LEU A 57 0.46 1.70 -8.11
C LEU A 57 1.11 1.94 -9.46
N TRP A 58 1.26 0.88 -10.25
CA TRP A 58 1.86 0.98 -11.57
C TRP A 58 0.95 0.34 -12.62
N VAL A 59 0.99 0.91 -13.83
CA VAL A 59 0.18 0.40 -14.94
C VAL A 59 1.05 -0.23 -16.00
N PRO A 60 1.49 -1.48 -15.76
CA PRO A 60 2.33 -2.22 -16.70
C PRO A 60 1.58 -2.64 -17.95
N ASN A 61 2.22 -3.46 -18.79
CA ASN A 61 1.61 -3.93 -20.02
C ASN A 61 0.65 -5.08 -19.74
N SER A 62 0.19 -5.73 -20.81
CA SER A 62 -0.73 -6.85 -20.68
C SER A 62 -2.04 -6.41 -20.01
N LYS A 63 -2.91 -7.37 -19.74
CA LYS A 63 -4.19 -7.09 -19.10
C LYS A 63 -4.51 -8.14 -18.05
N ALA A 64 -4.25 -9.41 -18.38
CA ALA A 64 -4.51 -10.51 -17.46
C ALA A 64 -3.87 -10.25 -16.09
N SER A 65 -4.72 -9.96 -15.11
CA SER A 65 -4.24 -9.68 -13.76
C SER A 65 -4.39 -10.91 -12.86
N GLU A 66 -4.02 -10.76 -11.60
CA GLU A 66 -4.12 -11.86 -10.64
C GLU A 66 -4.09 -11.34 -9.21
N ALA A 67 -4.94 -11.91 -8.36
CA ALA A 67 -5.00 -11.51 -6.96
C ALA A 67 -5.70 -12.57 -6.11
N LYS A 68 -5.42 -12.55 -4.81
CA LYS A 68 -6.02 -13.52 -3.90
C LYS A 68 -7.04 -12.83 -2.98
N GLU A 69 -6.54 -12.09 -2.00
CA GLU A 69 -7.41 -11.38 -1.07
C GLU A 69 -6.60 -10.45 -0.17
N GLY A 70 -7.25 -9.90 0.85
CA GLY A 70 -6.58 -8.99 1.76
C GLY A 70 -7.55 -8.22 2.63
N GLU A 71 -8.11 -8.89 3.63
CA GLU A 71 -9.06 -8.26 4.53
C GLU A 71 -9.46 -9.21 5.67
N GLU A 72 -10.47 -8.81 6.42
CA GLU A 72 -10.94 -9.63 7.54
C GLU A 72 -12.29 -9.13 8.05
N ALA A 73 -12.27 -8.02 8.77
CA ALA A 73 -13.49 -7.43 9.32
C ALA A 73 -13.20 -6.15 10.08
N GLY A 74 -12.65 -6.29 11.29
CA GLY A 74 -12.33 -5.13 12.10
C GLY A 74 -12.67 -5.34 13.56
N PRO A 75 -11.91 -6.21 14.23
CA PRO A 75 -12.11 -6.50 15.66
C PRO A 75 -11.75 -5.33 16.56
N GLY A 76 -10.76 -4.55 16.15
CA GLY A 76 -10.33 -3.41 16.93
C GLY A 76 -11.38 -2.33 16.98
N ASP A 77 -11.03 -1.14 16.51
CA ASP A 77 -11.95 0.00 16.50
C ASP A 77 -12.33 0.39 17.93
N PRO A 78 -12.83 1.63 18.08
CA PRO A 78 -13.24 2.15 19.38
C PRO A 78 -14.50 1.47 19.91
N LEU A 79 -15.66 2.00 19.52
CA LEU A 79 -16.94 1.44 19.96
C LEU A 79 -18.10 2.23 19.38
N LEU A 80 -17.90 3.54 19.24
CA LEU A 80 -18.94 4.41 18.69
C LEU A 80 -18.37 5.80 18.39
N GLU A 81 -19.27 6.74 18.11
CA GLU A 81 -18.86 8.11 17.80
C GLU A 81 -19.28 9.07 18.91
N ALA A 82 -18.33 9.85 19.41
CA ALA A 82 -18.60 10.81 20.48
C ALA A 82 -17.35 11.60 20.84
N VAL A 83 -17.43 12.35 21.93
CA VAL A 83 -16.30 13.16 22.38
C VAL A 83 -16.63 13.89 23.68
N PRO A 84 -16.60 13.16 24.80
CA PRO A 84 -16.89 13.72 26.12
C PRO A 84 -15.82 14.68 26.60
N LYS A 85 -16.17 15.54 27.54
CA LYS A 85 -15.24 16.52 28.09
C LYS A 85 -15.89 17.35 29.19
N THR A 86 -15.21 17.42 30.34
CA THR A 86 -15.73 18.18 31.46
C THR A 86 -14.76 18.15 32.64
N GLY A 87 -15.06 18.93 33.68
CA GLY A 87 -14.20 18.97 34.85
C GLY A 87 -14.94 19.41 36.10
N ASP A 88 -14.22 19.49 37.21
CA ASP A 88 -14.82 19.90 38.48
C ASP A 88 -14.47 21.36 38.79
N GLU A 89 -15.47 22.12 39.24
CA GLU A 89 -15.27 23.52 39.58
C GLU A 89 -14.48 23.66 40.88
N LYS A 90 -14.55 22.65 41.72
CA LYS A 90 -13.85 22.65 43.00
C LYS A 90 -14.36 23.78 43.90
N ASP A 91 -14.09 23.65 45.19
CA ASP A 91 -14.52 24.66 46.16
C ASP A 91 -13.41 25.69 46.40
N VAL A 92 -12.47 25.76 45.48
CA VAL A 92 -11.36 26.70 45.60
C VAL A 92 -11.86 28.11 45.87
N SER A 93 -10.95 28.97 46.33
CA SER A 93 -11.31 30.35 46.64
C SER A 93 -10.07 31.24 46.58
N VAL A 94 -10.25 32.52 46.93
CA VAL A 94 -9.15 33.48 46.92
C VAL A 94 -8.58 33.68 48.32
N GLY A 1 -9.68 12.33 -16.07
CA GLY A 1 -8.63 11.62 -15.37
C GLY A 1 -7.52 11.17 -16.31
N HIS A 2 -7.33 9.86 -16.41
CA HIS A 2 -6.30 9.30 -17.27
C HIS A 2 -6.81 8.05 -17.98
N MET A 3 -6.08 7.61 -19.01
CA MET A 3 -6.46 6.44 -19.77
C MET A 3 -5.23 5.76 -20.36
N GLY A 4 -4.70 4.77 -19.65
CA GLY A 4 -3.52 4.06 -20.11
C GLY A 4 -3.88 2.82 -20.91
N PRO A 5 -2.88 1.95 -21.13
CA PRO A 5 -3.08 0.70 -21.88
C PRO A 5 -3.93 -0.30 -21.13
N GLY A 6 -3.76 -0.35 -19.82
CA GLY A 6 -4.52 -1.28 -19.00
C GLY A 6 -3.98 -2.70 -19.06
N GLY A 7 -2.65 -2.81 -19.07
CA GLY A 7 -2.03 -4.12 -19.14
C GLY A 7 -0.68 -4.15 -18.44
N LEU A 8 -0.69 -4.13 -17.11
CA LEU A 8 0.53 -4.15 -16.33
C LEU A 8 0.67 -5.47 -15.57
N ASP A 9 1.90 -5.98 -15.51
CA ASP A 9 2.17 -7.24 -14.82
C ASP A 9 2.60 -6.98 -13.38
N PRO A 10 2.39 -7.98 -12.51
CA PRO A 10 2.74 -7.88 -11.09
C PRO A 10 4.26 -7.89 -10.87
N VAL A 11 4.96 -8.76 -11.60
CA VAL A 11 6.40 -8.85 -11.49
C VAL A 11 7.08 -7.58 -11.99
N GLU A 12 6.54 -7.01 -13.06
CA GLU A 12 7.09 -5.79 -13.64
C GLU A 12 7.06 -4.65 -12.63
N VAL A 13 5.92 -4.50 -11.96
CA VAL A 13 5.77 -3.44 -10.96
C VAL A 13 6.66 -3.69 -9.75
N TYR A 14 6.70 -4.93 -9.29
CA TYR A 14 7.53 -5.30 -8.14
C TYR A 14 9.00 -5.00 -8.41
N GLU A 15 9.47 -5.40 -9.58
CA GLU A 15 10.87 -5.19 -9.96
C GLU A 15 11.12 -3.71 -10.27
N SER A 16 10.05 -2.98 -10.55
CA SER A 16 10.16 -1.56 -10.87
C SER A 16 9.94 -0.71 -9.63
N LEU A 17 10.13 -1.32 -8.46
CA LEU A 17 9.96 -0.62 -7.20
C LEU A 17 11.28 -0.51 -6.44
N PRO A 18 11.38 0.48 -5.55
CA PRO A 18 12.58 0.71 -4.74
C PRO A 18 12.81 -0.39 -3.70
N GLU A 19 14.06 -0.60 -3.33
CA GLU A 19 14.41 -1.62 -2.35
C GLU A 19 13.49 -1.55 -1.14
N GLU A 20 13.08 -0.34 -0.77
CA GLU A 20 12.19 -0.13 0.36
C GLU A 20 10.85 -0.80 0.13
N LEU A 21 10.30 -0.61 -1.07
CA LEU A 21 9.01 -1.20 -1.43
C LEU A 21 9.10 -2.72 -1.47
N GLN A 22 10.16 -3.23 -2.11
CA GLN A 22 10.36 -4.66 -2.22
C GLN A 22 10.49 -5.30 -0.85
N LYS A 23 11.16 -4.62 0.06
CA LYS A 23 11.36 -5.12 1.42
C LYS A 23 10.05 -5.07 2.21
N CYS A 24 9.25 -4.04 1.95
CA CYS A 24 7.97 -3.88 2.64
C CYS A 24 6.98 -4.96 2.21
N PHE A 25 6.96 -5.25 0.92
CA PHE A 25 6.05 -6.27 0.38
C PHE A 25 6.43 -7.65 0.89
N ASP A 26 7.72 -7.88 1.04
CA ASP A 26 8.22 -9.17 1.51
C ASP A 26 7.70 -9.47 2.91
N VAL A 27 7.63 -8.44 3.74
CA VAL A 27 7.15 -8.59 5.11
C VAL A 27 5.64 -8.46 5.18
N LYS A 28 4.98 -8.57 4.03
CA LYS A 28 3.53 -8.47 3.96
C LYS A 28 2.99 -7.54 5.03
N ASP A 29 3.77 -6.51 5.35
CA ASP A 29 3.37 -5.54 6.35
C ASP A 29 2.84 -4.26 5.70
N VAL A 30 1.56 -4.30 5.33
CA VAL A 30 0.94 -3.14 4.69
C VAL A 30 1.02 -1.90 5.58
N GLN A 31 0.82 -2.10 6.88
CA GLN A 31 0.86 -1.00 7.83
C GLN A 31 2.16 -0.21 7.67
N MET A 32 3.27 -0.91 7.50
CA MET A 32 4.57 -0.27 7.34
C MET A 32 4.63 0.50 6.01
N LEU A 33 3.98 -0.06 4.99
CA LEU A 33 3.96 0.58 3.67
C LEU A 33 3.25 1.92 3.71
N GLN A 34 2.13 1.96 4.42
CA GLN A 34 1.36 3.19 4.55
C GLN A 34 2.23 4.34 5.08
N ASP A 35 3.19 3.99 5.93
CA ASP A 35 4.08 4.99 6.51
C ASP A 35 4.95 5.62 5.43
N ALA A 36 5.43 4.80 4.50
CA ALA A 36 6.28 5.27 3.42
C ALA A 36 5.53 6.27 2.54
N ILE A 37 4.25 6.02 2.33
CA ILE A 37 3.42 6.89 1.51
C ILE A 37 3.11 8.20 2.23
N SER A 38 2.88 8.10 3.53
CA SER A 38 2.57 9.28 4.35
C SER A 38 3.74 10.27 4.34
N LYS A 39 4.96 9.74 4.23
CA LYS A 39 6.15 10.57 4.21
C LYS A 39 6.48 11.01 2.78
N MET A 40 6.14 10.16 1.82
CA MET A 40 6.40 10.45 0.42
C MET A 40 5.41 11.47 -0.12
N ASP A 41 5.68 11.98 -1.32
CA ASP A 41 4.80 12.97 -1.94
C ASP A 41 3.45 12.35 -2.29
N PRO A 42 2.43 13.22 -2.48
CA PRO A 42 1.08 12.79 -2.81
C PRO A 42 0.98 12.21 -4.23
N THR A 43 1.62 12.90 -5.17
CA THR A 43 1.60 12.47 -6.57
C THR A 43 2.37 11.17 -6.75
N ASP A 44 3.51 11.06 -6.07
CA ASP A 44 4.34 9.87 -6.16
C ASP A 44 3.63 8.67 -5.53
N ALA A 45 2.93 8.90 -4.43
CA ALA A 45 2.21 7.84 -3.75
C ALA A 45 1.06 7.31 -4.60
N LYS A 46 0.35 8.22 -5.25
CA LYS A 46 -0.78 7.84 -6.11
C LYS A 46 -0.29 7.01 -7.29
N TYR A 47 0.89 7.34 -7.80
CA TYR A 47 1.46 6.61 -8.94
C TYR A 47 1.82 5.18 -8.54
N HIS A 48 2.44 5.03 -7.37
CA HIS A 48 2.83 3.72 -6.88
C HIS A 48 1.61 2.84 -6.62
N MET A 49 0.60 3.42 -5.99
CA MET A 49 -0.63 2.69 -5.68
C MET A 49 -1.37 2.31 -6.96
N GLN A 50 -1.34 3.20 -7.94
CA GLN A 50 -2.00 2.96 -9.21
C GLN A 50 -1.36 1.79 -9.95
N ARG A 51 -0.04 1.66 -9.81
CA ARG A 51 0.69 0.59 -10.46
C ARG A 51 0.36 -0.77 -9.83
N CYS A 52 0.28 -0.79 -8.51
CA CYS A 52 -0.03 -2.01 -7.79
C CYS A 52 -1.43 -2.50 -8.12
N ILE A 53 -2.37 -1.57 -8.19
CA ILE A 53 -3.76 -1.90 -8.49
C ILE A 53 -3.90 -2.38 -9.94
N ASP A 54 -3.26 -1.66 -10.85
CA ASP A 54 -3.31 -2.02 -12.27
C ASP A 54 -2.59 -3.33 -12.53
N SER A 55 -1.59 -3.62 -11.70
CA SER A 55 -0.82 -4.85 -11.84
C SER A 55 -1.33 -5.93 -10.90
N GLY A 56 -2.36 -5.60 -10.13
CA GLY A 56 -2.93 -6.56 -9.20
C GLY A 56 -1.87 -7.21 -8.32
N LEU A 57 -0.80 -6.48 -8.03
CA LEU A 57 0.28 -7.00 -7.21
C LEU A 57 -0.02 -6.79 -5.72
N TRP A 58 -0.65 -5.66 -5.41
CA TRP A 58 -0.99 -5.34 -4.03
C TRP A 58 -2.47 -4.99 -3.91
N VAL A 59 -3.07 -5.34 -2.77
CA VAL A 59 -4.48 -5.05 -2.53
C VAL A 59 -4.64 -4.04 -1.41
N PRO A 60 -4.37 -2.76 -1.72
CA PRO A 60 -4.49 -1.66 -0.76
C PRO A 60 -5.93 -1.36 -0.40
N ASN A 61 -6.84 -1.54 -1.36
CA ASN A 61 -8.25 -1.29 -1.14
C ASN A 61 -8.48 0.14 -0.66
N SER A 62 -7.71 1.08 -1.21
CA SER A 62 -7.82 2.47 -0.83
C SER A 62 -8.16 3.33 -2.05
N LYS A 63 -8.98 2.79 -2.94
CA LYS A 63 -9.37 3.50 -4.15
C LYS A 63 -10.36 2.68 -4.97
N ALA A 64 -10.08 1.39 -5.12
CA ALA A 64 -10.94 0.49 -5.87
C ALA A 64 -10.41 -0.95 -5.83
N SER A 65 -9.09 -1.09 -5.94
CA SER A 65 -8.47 -2.40 -5.93
C SER A 65 -8.95 -3.25 -7.10
N GLU A 66 -8.30 -4.39 -7.30
CA GLU A 66 -8.65 -5.30 -8.39
C GLU A 66 -8.17 -6.72 -8.10
N ALA A 67 -8.93 -7.70 -8.59
CA ALA A 67 -8.58 -9.10 -8.39
C ALA A 67 -8.77 -9.50 -6.92
N LYS A 68 -7.80 -9.10 -6.09
CA LYS A 68 -7.86 -9.42 -4.67
C LYS A 68 -7.75 -10.93 -4.44
N GLU A 69 -6.64 -11.35 -3.84
CA GLU A 69 -6.41 -12.76 -3.57
C GLU A 69 -5.08 -12.96 -2.84
N GLY A 70 -4.73 -12.02 -1.98
CA GLY A 70 -3.49 -12.11 -1.23
C GLY A 70 -3.71 -12.53 0.21
N GLU A 71 -3.57 -13.82 0.47
CA GLU A 71 -3.76 -14.35 1.81
C GLU A 71 -2.93 -15.62 2.02
N GLU A 72 -1.63 -15.45 2.18
CA GLU A 72 -0.73 -16.58 2.40
C GLU A 72 0.69 -16.10 2.70
N ALA A 73 1.48 -16.96 3.33
CA ALA A 73 2.86 -16.63 3.68
C ALA A 73 2.90 -15.50 4.70
N GLY A 74 3.97 -15.48 5.50
CA GLY A 74 4.11 -14.45 6.51
C GLY A 74 4.07 -15.01 7.92
N PRO A 75 4.31 -14.14 8.91
CA PRO A 75 4.31 -14.53 10.32
C PRO A 75 2.92 -14.86 10.83
N GLY A 76 1.97 -13.98 10.54
CA GLY A 76 0.60 -14.19 10.97
C GLY A 76 -0.07 -12.91 11.44
N ASP A 77 -1.27 -12.65 10.94
CA ASP A 77 -2.01 -11.46 11.31
C ASP A 77 -3.52 -11.75 11.38
N PRO A 78 -3.93 -12.46 12.45
CA PRO A 78 -5.33 -12.83 12.66
C PRO A 78 -6.19 -11.61 13.01
N LEU A 79 -5.69 -10.79 13.92
CA LEU A 79 -6.41 -9.58 14.35
C LEU A 79 -5.62 -8.82 15.40
N LEU A 80 -5.64 -9.31 16.63
CA LEU A 80 -4.92 -8.68 17.73
C LEU A 80 -3.46 -8.43 17.34
N GLU A 81 -3.14 -7.17 17.03
CA GLU A 81 -1.78 -6.81 16.66
C GLU A 81 -1.23 -5.75 17.59
N ALA A 82 -1.67 -4.51 17.41
CA ALA A 82 -1.22 -3.40 18.23
C ALA A 82 -1.89 -2.09 17.81
N VAL A 83 -1.41 -0.98 18.35
CA VAL A 83 -1.96 0.33 18.03
C VAL A 83 -3.46 0.39 18.31
N PRO A 84 -3.83 0.44 19.59
CA PRO A 84 -5.23 0.49 20.02
C PRO A 84 -5.90 1.81 19.67
N LYS A 85 -7.20 1.88 19.86
CA LYS A 85 -7.96 3.10 19.56
C LYS A 85 -7.37 4.30 20.29
N THR A 86 -7.10 4.13 21.59
CA THR A 86 -6.53 5.21 22.39
C THR A 86 -7.40 6.46 22.34
N GLY A 87 -6.95 7.51 23.01
CA GLY A 87 -7.70 8.76 23.02
C GLY A 87 -7.06 9.81 22.15
N ASP A 88 -6.42 10.79 22.78
CA ASP A 88 -5.78 11.88 22.05
C ASP A 88 -5.04 12.81 23.01
N GLU A 89 -3.78 12.48 23.30
CA GLU A 89 -2.97 13.29 24.21
C GLU A 89 -2.76 14.69 23.63
N LYS A 90 -2.82 14.80 22.31
CA LYS A 90 -2.64 16.07 21.64
C LYS A 90 -2.81 15.93 20.13
N ASP A 91 -3.80 16.64 19.58
CA ASP A 91 -4.06 16.60 18.15
C ASP A 91 -3.17 17.57 17.39
N VAL A 92 -2.51 18.47 18.13
CA VAL A 92 -1.63 19.45 17.53
C VAL A 92 -2.39 20.42 16.63
N SER A 93 -1.88 21.64 16.50
CA SER A 93 -2.52 22.65 15.67
C SER A 93 -1.68 23.92 15.64
N VAL A 94 -1.68 24.67 16.74
CA VAL A 94 -0.92 25.91 16.83
C VAL A 94 -1.04 26.52 18.22
N GLY A 1 1.89 -1.77 -24.53
CA GLY A 1 2.64 -0.68 -25.11
C GLY A 1 2.28 -0.43 -26.57
N HIS A 2 1.00 -0.18 -26.82
CA HIS A 2 0.52 0.06 -28.18
C HIS A 2 -0.09 1.45 -28.30
N MET A 3 -0.98 1.78 -27.37
CA MET A 3 -1.64 3.08 -27.37
C MET A 3 -2.50 3.25 -26.13
N GLY A 4 -2.39 4.42 -25.49
CA GLY A 4 -3.17 4.68 -24.29
C GLY A 4 -2.29 4.95 -23.08
N PRO A 5 -1.78 3.88 -22.47
CA PRO A 5 -0.92 3.98 -21.28
C PRO A 5 0.45 4.56 -21.62
N GLY A 6 1.36 4.52 -20.64
CA GLY A 6 2.69 5.04 -20.86
C GLY A 6 3.65 4.00 -21.40
N GLY A 7 4.94 4.32 -21.38
CA GLY A 7 5.94 3.40 -21.88
C GLY A 7 6.93 2.98 -20.81
N LEU A 8 6.44 2.31 -19.78
CA LEU A 8 7.30 1.87 -18.68
C LEU A 8 7.41 0.34 -18.67
N ASP A 9 8.63 -0.15 -18.47
CA ASP A 9 8.87 -1.59 -18.43
C ASP A 9 8.81 -2.12 -17.01
N PRO A 10 8.55 -3.42 -16.86
CA PRO A 10 8.47 -4.08 -15.55
C PRO A 10 9.82 -4.18 -14.85
N VAL A 11 10.85 -4.49 -15.64
CA VAL A 11 12.20 -4.61 -15.09
C VAL A 11 12.72 -3.27 -14.59
N GLU A 12 12.39 -2.20 -15.31
CA GLU A 12 12.82 -0.86 -14.94
C GLU A 12 12.25 -0.46 -13.58
N VAL A 13 10.96 -0.74 -13.38
CA VAL A 13 10.31 -0.41 -12.12
C VAL A 13 10.85 -1.26 -10.98
N TYR A 14 11.02 -2.55 -11.24
CA TYR A 14 11.54 -3.48 -10.24
C TYR A 14 12.93 -3.06 -9.77
N GLU A 15 13.79 -2.74 -10.73
CA GLU A 15 15.16 -2.32 -10.42
C GLU A 15 15.17 -0.92 -9.82
N SER A 16 14.09 -0.17 -10.04
CA SER A 16 13.99 1.18 -9.52
C SER A 16 13.30 1.20 -8.16
N LEU A 17 13.28 0.03 -7.51
CA LEU A 17 12.65 -0.09 -6.19
C LEU A 17 13.68 -0.46 -5.13
N PRO A 18 13.36 -0.16 -3.87
CA PRO A 18 14.24 -0.45 -2.73
C PRO A 18 14.35 -1.95 -2.45
N GLU A 19 15.47 -2.35 -1.85
CA GLU A 19 15.70 -3.76 -1.53
C GLU A 19 14.47 -4.37 -0.86
N GLU A 20 13.79 -3.57 -0.03
CA GLU A 20 12.60 -4.03 0.67
C GLU A 20 11.50 -4.42 -0.32
N LEU A 21 11.31 -3.58 -1.34
CA LEU A 21 10.29 -3.84 -2.35
C LEU A 21 10.68 -5.02 -3.24
N GLN A 22 11.94 -5.06 -3.64
CA GLN A 22 12.44 -6.14 -4.49
C GLN A 22 12.33 -7.48 -3.77
N LYS A 23 12.65 -7.48 -2.47
CA LYS A 23 12.60 -8.70 -1.68
C LYS A 23 11.15 -9.10 -1.41
N CYS A 24 10.27 -8.11 -1.33
CA CYS A 24 8.86 -8.37 -1.08
C CYS A 24 8.22 -9.10 -2.26
N PHE A 25 8.57 -8.67 -3.46
CA PHE A 25 8.03 -9.28 -4.67
C PHE A 25 8.52 -10.72 -4.83
N ASP A 26 9.77 -10.95 -4.44
CA ASP A 26 10.37 -12.28 -4.53
C ASP A 26 9.59 -13.28 -3.70
N VAL A 27 9.12 -12.85 -2.53
CA VAL A 27 8.35 -13.72 -1.64
C VAL A 27 6.88 -13.71 -2.00
N LYS A 28 6.57 -13.19 -3.18
CA LYS A 28 5.18 -13.12 -3.65
C LYS A 28 4.23 -12.86 -2.48
N ASP A 29 4.70 -12.14 -1.48
CA ASP A 29 3.90 -11.83 -0.30
C ASP A 29 3.24 -10.46 -0.44
N VAL A 30 2.10 -10.43 -1.14
CA VAL A 30 1.38 -9.17 -1.35
C VAL A 30 0.98 -8.53 -0.02
N GLN A 31 0.59 -9.37 0.94
CA GLN A 31 0.19 -8.88 2.26
C GLN A 31 1.29 -8.04 2.88
N MET A 32 2.53 -8.50 2.76
CA MET A 32 3.67 -7.79 3.31
C MET A 32 3.90 -6.47 2.57
N LEU A 33 3.66 -6.49 1.26
CA LEU A 33 3.84 -5.30 0.44
C LEU A 33 2.86 -4.20 0.85
N GLN A 34 1.61 -4.58 1.08
CA GLN A 34 0.58 -3.63 1.48
C GLN A 34 0.96 -2.94 2.78
N ASP A 35 1.66 -3.66 3.65
CA ASP A 35 2.09 -3.10 4.93
C ASP A 35 3.08 -1.97 4.73
N ALA A 36 3.99 -2.14 3.77
CA ALA A 36 4.99 -1.13 3.48
C ALA A 36 4.34 0.16 3.00
N ILE A 37 3.27 0.03 2.23
CA ILE A 37 2.56 1.19 1.70
C ILE A 37 1.72 1.86 2.78
N SER A 38 1.11 1.05 3.64
CA SER A 38 0.27 1.57 4.72
C SER A 38 1.11 2.38 5.70
N LYS A 39 2.36 1.97 5.89
CA LYS A 39 3.27 2.65 6.80
C LYS A 39 4.01 3.78 6.10
N MET A 40 4.19 3.63 4.79
CA MET A 40 4.89 4.64 4.00
C MET A 40 4.00 5.86 3.78
N ASP A 41 4.59 6.93 3.26
CA ASP A 41 3.85 8.16 3.00
C ASP A 41 2.82 7.95 1.90
N PRO A 42 1.83 8.86 1.84
CA PRO A 42 0.75 8.79 0.84
C PRO A 42 1.25 9.09 -0.57
N THR A 43 2.09 10.11 -0.69
CA THR A 43 2.64 10.51 -1.97
C THR A 43 3.58 9.43 -2.53
N ASP A 44 4.40 8.86 -1.65
CA ASP A 44 5.33 7.81 -2.06
C ASP A 44 4.58 6.55 -2.49
N ALA A 45 3.51 6.24 -1.78
CA ALA A 45 2.71 5.06 -2.10
C ALA A 45 2.05 5.19 -3.46
N LYS A 46 1.51 6.37 -3.74
CA LYS A 46 0.84 6.64 -5.01
C LYS A 46 1.82 6.50 -6.17
N TYR A 47 3.06 6.92 -5.95
CA TYR A 47 4.09 6.85 -6.98
C TYR A 47 4.43 5.40 -7.31
N HIS A 48 4.58 4.59 -6.27
CA HIS A 48 4.91 3.17 -6.45
C HIS A 48 3.77 2.44 -7.14
N MET A 49 2.54 2.70 -6.70
CA MET A 49 1.36 2.07 -7.29
C MET A 49 1.18 2.49 -8.75
N GLN A 50 1.42 3.76 -9.03
CA GLN A 50 1.28 4.28 -10.38
C GLN A 50 2.32 3.65 -11.31
N ARG A 51 3.52 3.42 -10.79
CA ARG A 51 4.60 2.82 -11.57
C ARG A 51 4.34 1.34 -11.80
N CYS A 52 3.89 0.64 -10.76
CA CYS A 52 3.61 -0.78 -10.86
C CYS A 52 2.46 -1.05 -11.83
N ILE A 53 1.53 -0.09 -11.91
CA ILE A 53 0.39 -0.22 -12.79
C ILE A 53 0.80 -0.09 -14.26
N ASP A 54 1.61 0.92 -14.54
CA ASP A 54 2.09 1.16 -15.90
C ASP A 54 3.04 0.05 -16.35
N SER A 55 3.71 -0.57 -15.39
CA SER A 55 4.65 -1.64 -15.68
C SER A 55 3.97 -3.00 -15.56
N GLY A 56 2.78 -3.02 -14.97
CA GLY A 56 2.05 -4.26 -14.81
C GLY A 56 2.78 -5.25 -13.90
N LEU A 57 3.63 -4.72 -13.03
CA LEU A 57 4.38 -5.56 -12.11
C LEU A 57 3.48 -6.09 -10.99
N TRP A 58 2.58 -5.25 -10.52
CA TRP A 58 1.65 -5.63 -9.46
C TRP A 58 0.22 -5.32 -9.85
N VAL A 59 -0.71 -6.18 -9.42
CA VAL A 59 -2.13 -5.99 -9.73
C VAL A 59 -2.81 -5.12 -8.67
N PRO A 60 -3.40 -4.01 -9.12
CA PRO A 60 -4.10 -3.08 -8.23
C PRO A 60 -5.40 -3.67 -7.67
N ASN A 61 -6.02 -2.93 -6.75
CA ASN A 61 -7.27 -3.38 -6.15
C ASN A 61 -7.81 -2.34 -5.17
N SER A 62 -7.76 -1.08 -5.59
CA SER A 62 -8.24 0.02 -4.75
C SER A 62 -8.11 1.35 -5.48
N LYS A 63 -6.89 1.67 -5.91
CA LYS A 63 -6.63 2.91 -6.62
C LYS A 63 -7.59 3.08 -7.79
N ALA A 64 -7.72 4.31 -8.27
CA ALA A 64 -8.61 4.61 -9.40
C ALA A 64 -7.96 4.21 -10.72
N SER A 65 -7.97 2.91 -11.00
CA SER A 65 -7.38 2.39 -12.24
C SER A 65 -8.01 1.06 -12.62
N GLU A 66 -7.97 0.11 -11.70
CA GLU A 66 -8.53 -1.22 -11.95
C GLU A 66 -8.93 -1.89 -10.63
N ALA A 67 -10.23 -1.93 -10.37
CA ALA A 67 -10.74 -2.55 -9.15
C ALA A 67 -12.13 -3.12 -9.37
N LYS A 68 -12.74 -3.61 -8.31
CA LYS A 68 -14.08 -4.19 -8.37
C LYS A 68 -14.56 -4.65 -7.00
N GLU A 69 -15.80 -5.11 -6.93
CA GLU A 69 -16.37 -5.58 -5.67
C GLU A 69 -15.94 -7.02 -5.39
N GLY A 70 -15.43 -7.24 -4.18
CA GLY A 70 -14.98 -8.58 -3.80
C GLY A 70 -15.25 -8.88 -2.35
N GLU A 71 -14.58 -9.91 -1.83
CA GLU A 71 -14.75 -10.30 -0.43
C GLU A 71 -13.40 -10.45 0.26
N GLU A 72 -13.25 -9.80 1.41
CA GLU A 72 -12.01 -9.86 2.17
C GLU A 72 -12.28 -9.96 3.66
N ALA A 73 -12.93 -11.05 4.06
CA ALA A 73 -13.26 -11.28 5.47
C ALA A 73 -12.09 -11.92 6.21
N GLY A 74 -12.08 -11.78 7.53
CA GLY A 74 -11.02 -12.34 8.33
C GLY A 74 -11.42 -12.56 9.77
N PRO A 75 -10.62 -13.35 10.51
CA PRO A 75 -10.90 -13.66 11.92
C PRO A 75 -10.71 -12.45 12.82
N GLY A 76 -9.58 -11.76 12.65
CA GLY A 76 -9.29 -10.60 13.47
C GLY A 76 -7.81 -10.33 13.60
N ASP A 77 -7.39 -9.15 13.19
CA ASP A 77 -5.98 -8.77 13.27
C ASP A 77 -5.83 -7.25 13.41
N PRO A 78 -6.13 -6.74 14.61
CA PRO A 78 -6.04 -5.31 14.90
C PRO A 78 -4.59 -4.81 14.95
N LEU A 79 -3.73 -5.61 15.56
CA LEU A 79 -2.31 -5.25 15.67
C LEU A 79 -2.15 -3.86 16.25
N LEU A 80 -2.40 -3.73 17.54
CA LEU A 80 -2.28 -2.44 18.23
C LEU A 80 -0.92 -1.79 17.93
N GLU A 81 0.13 -2.31 18.57
CA GLU A 81 1.47 -1.79 18.38
C GLU A 81 1.45 -0.27 18.21
N ALA A 82 1.36 0.44 19.32
CA ALA A 82 1.33 1.90 19.30
C ALA A 82 1.27 2.47 20.71
N VAL A 83 1.20 3.79 20.80
CA VAL A 83 1.13 4.46 22.09
C VAL A 83 0.20 5.67 22.04
N PRO A 84 -1.11 5.41 21.95
CA PRO A 84 -2.12 6.47 21.89
C PRO A 84 -2.26 7.21 23.22
N LYS A 85 -3.15 8.21 23.24
CA LYS A 85 -3.39 8.99 24.44
C LYS A 85 -4.80 9.55 24.45
N THR A 86 -5.29 9.90 25.63
CA THR A 86 -6.63 10.46 25.79
C THR A 86 -6.80 11.12 27.14
N GLY A 87 -7.79 11.99 27.25
CA GLY A 87 -8.05 12.69 28.50
C GLY A 87 -7.80 14.18 28.40
N ASP A 88 -8.02 14.89 29.49
CA ASP A 88 -7.81 16.33 29.52
C ASP A 88 -7.66 16.82 30.96
N GLU A 89 -6.61 17.59 31.22
CA GLU A 89 -6.34 18.13 32.55
C GLU A 89 -7.32 19.25 32.88
N LYS A 90 -7.84 19.90 31.84
CA LYS A 90 -8.78 21.00 32.02
C LYS A 90 -8.17 22.12 32.84
N ASP A 91 -7.62 23.12 32.16
CA ASP A 91 -6.99 24.25 32.82
C ASP A 91 -7.98 25.41 32.97
N VAL A 92 -9.28 25.09 32.88
CA VAL A 92 -10.32 26.09 33.01
C VAL A 92 -11.69 25.45 33.10
N SER A 93 -12.49 25.89 34.08
CA SER A 93 -13.83 25.36 34.28
C SER A 93 -14.77 26.43 34.81
N VAL A 94 -16.05 26.09 34.89
CA VAL A 94 -17.05 27.02 35.40
C VAL A 94 -17.17 26.94 36.92
N GLY A 1 -6.87 14.80 -6.74
CA GLY A 1 -6.20 14.91 -5.45
C GLY A 1 -6.72 13.92 -4.43
N HIS A 2 -5.86 13.00 -4.02
CA HIS A 2 -6.25 11.97 -3.04
C HIS A 2 -5.08 11.66 -2.11
N MET A 3 -5.39 11.05 -0.97
CA MET A 3 -4.36 10.68 0.00
C MET A 3 -4.19 9.16 0.06
N GLY A 4 -4.17 8.53 -1.11
CA GLY A 4 -4.01 7.09 -1.15
C GLY A 4 -2.82 6.61 -0.35
N PRO A 5 -3.09 5.94 0.78
CA PRO A 5 -2.05 5.42 1.67
C PRO A 5 -1.30 4.26 1.05
N GLY A 6 -0.43 3.63 1.84
CA GLY A 6 0.34 2.50 1.35
C GLY A 6 1.07 1.77 2.46
N GLY A 7 1.95 2.48 3.17
CA GLY A 7 2.70 1.87 4.25
C GLY A 7 3.96 1.19 3.77
N LEU A 8 4.11 1.07 2.45
CA LEU A 8 5.29 0.43 1.87
C LEU A 8 6.18 1.47 1.20
N ASP A 9 7.49 1.28 1.33
CA ASP A 9 8.46 2.19 0.74
C ASP A 9 8.90 1.70 -0.63
N PRO A 10 9.37 2.64 -1.47
CA PRO A 10 9.83 2.32 -2.83
C PRO A 10 11.13 1.53 -2.83
N VAL A 11 12.10 2.00 -2.05
CA VAL A 11 13.40 1.33 -1.95
C VAL A 11 13.24 -0.11 -1.49
N GLU A 12 12.33 -0.33 -0.55
CA GLU A 12 12.08 -1.66 -0.02
C GLU A 12 11.61 -2.61 -1.13
N VAL A 13 10.69 -2.14 -1.95
CA VAL A 13 10.14 -2.93 -3.05
C VAL A 13 11.21 -3.20 -4.10
N TYR A 14 11.97 -2.16 -4.44
CA TYR A 14 13.03 -2.28 -5.44
C TYR A 14 14.08 -3.30 -5.01
N GLU A 15 14.51 -3.19 -3.75
CA GLU A 15 15.51 -4.10 -3.20
C GLU A 15 14.91 -5.49 -2.96
N SER A 16 13.59 -5.55 -2.88
CA SER A 16 12.91 -6.81 -2.64
C SER A 16 12.52 -7.47 -3.97
N LEU A 17 13.18 -7.05 -5.04
CA LEU A 17 12.90 -7.61 -6.36
C LEU A 17 14.13 -8.30 -6.93
N PRO A 18 13.91 -9.18 -7.91
CA PRO A 18 14.99 -9.93 -8.56
C PRO A 18 15.89 -9.05 -9.42
N GLU A 19 17.15 -9.44 -9.56
CA GLU A 19 18.10 -8.68 -10.35
C GLU A 19 17.49 -8.28 -11.70
N GLU A 20 16.70 -9.18 -12.27
CA GLU A 20 16.07 -8.92 -13.56
C GLU A 20 15.12 -7.73 -13.46
N LEU A 21 14.33 -7.69 -12.40
CA LEU A 21 13.37 -6.60 -12.19
C LEU A 21 14.11 -5.28 -11.98
N GLN A 22 15.14 -5.30 -11.14
CA GLN A 22 15.91 -4.10 -10.84
C GLN A 22 16.59 -3.57 -12.11
N LYS A 23 17.06 -4.48 -12.95
CA LYS A 23 17.72 -4.11 -14.19
C LYS A 23 16.73 -3.57 -15.20
N CYS A 24 15.50 -4.10 -15.17
CA CYS A 24 14.46 -3.66 -16.08
C CYS A 24 14.04 -2.23 -15.78
N PHE A 25 13.93 -1.91 -14.50
CA PHE A 25 13.52 -0.57 -14.07
C PHE A 25 14.60 0.45 -14.42
N ASP A 26 15.86 0.03 -14.33
CA ASP A 26 16.98 0.91 -14.63
C ASP A 26 16.92 1.39 -16.08
N VAL A 27 16.51 0.50 -16.98
CA VAL A 27 16.40 0.84 -18.40
C VAL A 27 15.05 1.46 -18.71
N LYS A 28 14.33 1.86 -17.67
CA LYS A 28 13.02 2.47 -17.84
C LYS A 28 12.28 1.86 -19.02
N ASP A 29 12.54 0.59 -19.28
CA ASP A 29 11.88 -0.13 -20.38
C ASP A 29 10.66 -0.88 -19.89
N VAL A 30 9.53 -0.17 -19.79
CA VAL A 30 8.29 -0.78 -19.34
C VAL A 30 7.88 -1.94 -20.23
N GLN A 31 8.09 -1.78 -21.53
CA GLN A 31 7.76 -2.82 -22.50
C GLN A 31 8.44 -4.13 -22.16
N MET A 32 9.71 -4.05 -21.78
CA MET A 32 10.49 -5.23 -21.42
C MET A 32 9.96 -5.86 -20.13
N LEU A 33 9.52 -5.02 -19.20
CA LEU A 33 8.98 -5.48 -17.93
C LEU A 33 7.71 -6.29 -18.14
N GLN A 34 6.83 -5.78 -18.99
CA GLN A 34 5.57 -6.45 -19.28
C GLN A 34 5.81 -7.81 -19.92
N ASP A 35 6.88 -7.92 -20.69
CA ASP A 35 7.23 -9.17 -21.36
C ASP A 35 7.60 -10.25 -20.34
N ALA A 36 8.31 -9.84 -19.29
CA ALA A 36 8.73 -10.76 -18.25
C ALA A 36 7.53 -11.30 -17.47
N ILE A 37 6.50 -10.48 -17.35
CA ILE A 37 5.29 -10.87 -16.64
C ILE A 37 4.52 -11.94 -17.41
N SER A 38 4.49 -11.79 -18.73
CA SER A 38 3.77 -12.74 -19.59
C SER A 38 4.30 -14.16 -19.37
N LYS A 39 5.55 -14.26 -18.94
CA LYS A 39 6.17 -15.56 -18.69
C LYS A 39 5.91 -16.02 -17.27
N MET A 40 5.88 -15.07 -16.34
CA MET A 40 5.64 -15.37 -14.93
C MET A 40 4.17 -15.72 -14.69
N ASP A 41 3.89 -16.24 -13.50
CA ASP A 41 2.53 -16.62 -13.15
C ASP A 41 1.66 -15.39 -12.94
N PRO A 42 0.33 -15.59 -12.98
CA PRO A 42 -0.64 -14.50 -12.80
C PRO A 42 -0.67 -13.99 -11.36
N THR A 43 -0.60 -14.90 -10.41
CA THR A 43 -0.62 -14.55 -8.99
C THR A 43 0.64 -13.78 -8.61
N ASP A 44 1.78 -14.24 -9.11
CA ASP A 44 3.06 -13.60 -8.82
C ASP A 44 3.13 -12.22 -9.44
N ALA A 45 2.58 -12.08 -10.64
CA ALA A 45 2.58 -10.81 -11.35
C ALA A 45 1.74 -9.77 -10.60
N LYS A 46 0.58 -10.20 -10.11
CA LYS A 46 -0.31 -9.31 -9.37
C LYS A 46 0.35 -8.80 -8.10
N TYR A 47 1.16 -9.65 -7.48
CA TYR A 47 1.86 -9.28 -6.25
C TYR A 47 2.92 -8.22 -6.53
N HIS A 48 3.68 -8.41 -7.60
CA HIS A 48 4.74 -7.48 -7.97
C HIS A 48 4.15 -6.11 -8.32
N MET A 49 3.08 -6.11 -9.10
CA MET A 49 2.43 -4.86 -9.50
C MET A 49 1.80 -4.17 -8.30
N GLN A 50 1.20 -4.96 -7.41
CA GLN A 50 0.56 -4.42 -6.22
C GLN A 50 1.58 -3.71 -5.33
N ARG A 51 2.79 -4.25 -5.28
CA ARG A 51 3.85 -3.66 -4.47
C ARG A 51 4.32 -2.33 -5.06
N CYS A 52 4.46 -2.28 -6.38
CA CYS A 52 4.90 -1.07 -7.07
C CYS A 52 3.86 0.03 -6.92
N ILE A 53 2.59 -0.36 -6.89
CA ILE A 53 1.50 0.60 -6.76
C ILE A 53 1.51 1.26 -5.39
N ASP A 54 1.57 0.44 -4.34
CA ASP A 54 1.58 0.94 -2.98
C ASP A 54 2.92 1.62 -2.66
N SER A 55 3.96 1.22 -3.38
CA SER A 55 5.29 1.78 -3.17
C SER A 55 5.56 2.91 -4.15
N GLY A 56 4.59 3.18 -5.02
CA GLY A 56 4.74 4.23 -6.01
C GLY A 56 6.05 4.14 -6.77
N LEU A 57 6.55 2.92 -6.92
CA LEU A 57 7.80 2.71 -7.64
C LEU A 57 7.60 2.83 -9.14
N TRP A 58 6.55 2.21 -9.66
CA TRP A 58 6.24 2.26 -11.08
C TRP A 58 4.81 2.67 -11.31
N VAL A 59 4.54 3.24 -12.49
CA VAL A 59 3.19 3.69 -12.84
C VAL A 59 2.59 2.83 -13.94
N PRO A 60 2.08 1.65 -13.57
CA PRO A 60 1.48 0.70 -14.51
C PRO A 60 0.16 1.22 -15.06
N ASN A 61 -0.71 1.67 -14.16
CA ASN A 61 -2.02 2.18 -14.56
C ASN A 61 -2.81 2.66 -13.34
N SER A 62 -4.09 2.95 -13.56
CA SER A 62 -4.96 3.42 -12.47
C SER A 62 -6.00 2.36 -12.12
N LYS A 63 -5.59 1.09 -12.17
CA LYS A 63 -6.48 -0.01 -11.84
C LYS A 63 -5.90 -0.86 -10.72
N ALA A 64 -6.77 -1.34 -9.84
CA ALA A 64 -6.35 -2.17 -8.71
C ALA A 64 -5.21 -1.51 -7.94
N SER A 65 -5.55 -0.53 -7.12
CA SER A 65 -4.55 0.18 -6.32
C SER A 65 -4.86 0.09 -4.83
N GLU A 66 -4.15 0.87 -4.03
CA GLU A 66 -4.36 0.87 -2.58
C GLU A 66 -4.02 -0.50 -1.99
N ALA A 67 -4.24 -0.63 -0.68
CA ALA A 67 -3.96 -1.88 0.01
C ALA A 67 -4.34 -1.79 1.49
N LYS A 68 -4.12 -2.88 2.22
CA LYS A 68 -4.44 -2.92 3.64
C LYS A 68 -3.49 -3.85 4.38
N GLU A 69 -2.20 -3.66 4.19
CA GLU A 69 -1.19 -4.49 4.84
C GLU A 69 -1.41 -4.54 6.35
N GLY A 70 -1.20 -5.71 6.94
CA GLY A 70 -1.38 -5.87 8.37
C GLY A 70 -0.16 -5.44 9.16
N GLU A 71 1.02 -5.66 8.59
CA GLU A 71 2.27 -5.31 9.25
C GLU A 71 2.39 -6.00 10.61
N GLU A 72 2.29 -7.34 10.59
CA GLU A 72 2.39 -8.11 11.82
C GLU A 72 1.20 -7.84 12.74
N ALA A 73 0.44 -8.89 13.04
CA ALA A 73 -0.73 -8.76 13.91
C ALA A 73 -1.83 -7.95 13.22
N GLY A 74 -1.67 -6.63 13.21
CA GLY A 74 -2.67 -5.78 12.58
C GLY A 74 -3.82 -5.46 13.51
N PRO A 75 -3.53 -4.71 14.59
CA PRO A 75 -4.54 -4.31 15.57
C PRO A 75 -5.54 -3.31 15.01
N GLY A 76 -6.82 -3.67 15.06
CA GLY A 76 -7.86 -2.79 14.55
C GLY A 76 -9.21 -3.09 15.16
N ASP A 77 -9.43 -2.61 16.39
CA ASP A 77 -10.69 -2.82 17.07
C ASP A 77 -10.68 -2.15 18.45
N PRO A 78 -10.63 -0.81 18.46
CA PRO A 78 -10.61 -0.03 19.70
C PRO A 78 -11.93 -0.09 20.45
N LEU A 79 -12.86 0.80 20.10
CA LEU A 79 -14.17 0.84 20.74
C LEU A 79 -15.10 1.80 20.01
N LEU A 80 -14.89 3.09 20.23
CA LEU A 80 -15.70 4.11 19.59
C LEU A 80 -15.20 5.52 19.92
N GLU A 81 -14.79 6.25 18.90
CA GLU A 81 -14.29 7.61 19.09
C GLU A 81 -15.25 8.44 19.92
N ALA A 82 -14.77 9.57 20.42
CA ALA A 82 -15.60 10.46 21.22
C ALA A 82 -14.82 11.70 21.64
N VAL A 83 -15.39 12.48 22.56
CA VAL A 83 -14.75 13.70 23.04
C VAL A 83 -15.01 13.90 24.54
N PRO A 84 -14.43 13.02 25.36
CA PRO A 84 -14.58 13.08 26.82
C PRO A 84 -13.85 14.27 27.42
N LYS A 85 -14.59 15.36 27.65
CA LYS A 85 -14.01 16.56 28.23
C LYS A 85 -15.08 17.62 28.46
N THR A 86 -16.25 17.19 28.90
CA THR A 86 -17.36 18.09 29.16
C THR A 86 -17.98 17.83 30.53
N GLY A 87 -17.14 17.47 31.49
CA GLY A 87 -17.62 17.21 32.84
C GLY A 87 -17.19 18.27 33.84
N ASP A 88 -18.17 18.89 34.47
CA ASP A 88 -17.88 19.93 35.47
C ASP A 88 -18.71 19.72 36.73
N GLU A 89 -18.03 19.71 37.88
CA GLU A 89 -18.70 19.52 39.16
C GLU A 89 -19.49 20.76 39.55
N LYS A 90 -19.07 21.91 39.04
CA LYS A 90 -19.73 23.18 39.34
C LYS A 90 -19.65 23.49 40.83
N ASP A 91 -18.67 24.32 41.20
CA ASP A 91 -18.48 24.70 42.59
C ASP A 91 -19.19 26.01 42.89
N VAL A 92 -20.14 26.38 42.04
CA VAL A 92 -20.89 27.62 42.21
C VAL A 92 -21.47 27.72 43.62
N SER A 93 -21.66 28.95 44.08
CA SER A 93 -22.21 29.19 45.41
C SER A 93 -22.80 30.59 45.52
N VAL A 94 -23.90 30.70 46.26
CA VAL A 94 -24.57 31.99 46.45
C VAL A 94 -23.81 32.87 47.44
N GLY A 1 -4.54 4.83 -19.46
CA GLY A 1 -4.02 3.50 -19.22
C GLY A 1 -4.09 3.09 -17.75
N HIS A 2 -3.00 3.31 -17.03
CA HIS A 2 -2.95 2.97 -15.62
C HIS A 2 -3.56 4.08 -14.77
N MET A 3 -3.61 3.85 -13.46
CA MET A 3 -4.18 4.83 -12.53
C MET A 3 -4.08 4.34 -11.09
N GLY A 4 -4.94 3.38 -10.74
CA GLY A 4 -4.94 2.84 -9.40
C GLY A 4 -6.28 3.01 -8.70
N PRO A 5 -7.20 2.09 -8.96
CA PRO A 5 -8.54 2.12 -8.36
C PRO A 5 -8.52 1.82 -6.86
N GLY A 6 -7.58 0.97 -6.45
CA GLY A 6 -7.47 0.62 -5.05
C GLY A 6 -7.11 1.80 -4.18
N GLY A 7 -6.55 1.53 -3.01
CA GLY A 7 -6.18 2.60 -2.09
C GLY A 7 -4.73 2.48 -1.64
N LEU A 8 -3.83 2.21 -2.58
CA LEU A 8 -2.42 2.08 -2.27
C LEU A 8 -1.61 3.24 -2.86
N ASP A 9 -0.59 3.67 -2.13
CA ASP A 9 0.25 4.77 -2.58
C ASP A 9 1.48 4.24 -3.31
N PRO A 10 2.06 5.09 -4.18
CA PRO A 10 3.24 4.74 -4.96
C PRO A 10 4.50 4.61 -4.09
N VAL A 11 4.63 5.50 -3.12
CA VAL A 11 5.78 5.49 -2.22
C VAL A 11 5.79 4.23 -1.37
N GLU A 12 4.61 3.83 -0.91
CA GLU A 12 4.48 2.65 -0.07
C GLU A 12 4.94 1.39 -0.82
N VAL A 13 4.51 1.27 -2.07
CA VAL A 13 4.89 0.12 -2.90
C VAL A 13 6.37 0.14 -3.22
N TYR A 14 6.88 1.32 -3.57
CA TYR A 14 8.30 1.47 -3.92
C TYR A 14 9.18 1.10 -2.73
N GLU A 15 8.83 1.58 -1.55
CA GLU A 15 9.60 1.30 -0.34
C GLU A 15 9.37 -0.14 0.10
N SER A 16 8.28 -0.74 -0.35
CA SER A 16 7.95 -2.12 0.01
C SER A 16 8.49 -3.09 -1.03
N LEU A 17 9.47 -2.65 -1.80
CA LEU A 17 10.08 -3.48 -2.83
C LEU A 17 11.54 -3.76 -2.51
N PRO A 18 12.08 -4.82 -3.13
CA PRO A 18 13.49 -5.22 -2.93
C PRO A 18 14.47 -4.23 -3.56
N GLU A 19 15.67 -4.16 -2.99
CA GLU A 19 16.69 -3.26 -3.50
C GLU A 19 16.79 -3.35 -5.03
N GLU A 20 16.63 -4.56 -5.56
CA GLU A 20 16.71 -4.79 -6.99
C GLU A 20 15.62 -4.01 -7.72
N LEU A 21 14.40 -4.07 -7.18
CA LEU A 21 13.27 -3.38 -7.80
C LEU A 21 13.46 -1.87 -7.71
N GLN A 22 13.87 -1.39 -6.54
CA GLN A 22 14.09 0.04 -6.33
C GLN A 22 15.17 0.57 -7.27
N LYS A 23 16.21 -0.23 -7.47
CA LYS A 23 17.31 0.15 -8.34
C LYS A 23 16.89 0.12 -9.81
N CYS A 24 15.99 -0.81 -10.15
CA CYS A 24 15.50 -0.94 -11.51
C CYS A 24 14.65 0.27 -11.90
N PHE A 25 13.83 0.74 -10.97
CA PHE A 25 12.97 1.89 -11.22
C PHE A 25 13.79 3.16 -11.39
N ASP A 26 14.88 3.26 -10.63
CA ASP A 26 15.74 4.42 -10.69
C ASP A 26 16.33 4.59 -12.09
N VAL A 27 16.67 3.46 -12.72
CA VAL A 27 17.25 3.48 -14.06
C VAL A 27 16.16 3.49 -15.12
N LYS A 28 14.93 3.75 -14.70
CA LYS A 28 13.79 3.79 -15.62
C LYS A 28 13.96 2.77 -16.73
N ASP A 29 14.61 1.66 -16.42
CA ASP A 29 14.83 0.60 -17.40
C ASP A 29 13.76 -0.47 -17.29
N VAL A 30 12.62 -0.23 -17.94
CA VAL A 30 11.52 -1.18 -17.93
C VAL A 30 11.95 -2.55 -18.47
N GLN A 31 12.78 -2.52 -19.50
CA GLN A 31 13.26 -3.76 -20.10
C GLN A 31 13.96 -4.64 -19.07
N MET A 32 14.76 -4.03 -18.21
CA MET A 32 15.47 -4.75 -17.17
C MET A 32 14.51 -5.31 -16.13
N LEU A 33 13.46 -4.55 -15.84
CA LEU A 33 12.45 -4.97 -14.86
C LEU A 33 11.72 -6.22 -15.34
N GLN A 34 11.36 -6.23 -16.62
CA GLN A 34 10.65 -7.36 -17.20
C GLN A 34 11.48 -8.65 -17.08
N ASP A 35 12.80 -8.50 -17.13
CA ASP A 35 13.71 -9.64 -17.03
C ASP A 35 13.61 -10.28 -15.65
N ALA A 36 13.52 -9.44 -14.62
CA ALA A 36 13.43 -9.92 -13.25
C ALA A 36 12.14 -10.70 -13.03
N ILE A 37 11.07 -10.28 -13.69
CA ILE A 37 9.77 -10.95 -13.58
C ILE A 37 9.78 -12.30 -14.29
N SER A 38 10.46 -12.36 -15.42
CA SER A 38 10.54 -13.59 -16.20
C SER A 38 11.29 -14.67 -15.43
N LYS A 39 12.23 -14.24 -14.61
CA LYS A 39 13.03 -15.17 -13.80
C LYS A 39 12.34 -15.46 -12.47
N MET A 40 11.60 -14.48 -11.96
CA MET A 40 10.89 -14.63 -10.70
C MET A 40 9.69 -15.56 -10.85
N ASP A 41 9.10 -15.94 -9.73
CA ASP A 41 7.94 -16.83 -9.75
C ASP A 41 6.72 -16.12 -10.34
N PRO A 42 5.74 -16.92 -10.78
CA PRO A 42 4.50 -16.40 -11.38
C PRO A 42 3.61 -15.70 -10.35
N THR A 43 3.47 -16.33 -9.19
CA THR A 43 2.64 -15.76 -8.12
C THR A 43 3.24 -14.47 -7.58
N ASP A 44 4.56 -14.46 -7.42
CA ASP A 44 5.26 -13.28 -6.91
C ASP A 44 5.18 -12.13 -7.91
N ALA A 45 5.28 -12.46 -9.20
CA ALA A 45 5.22 -11.45 -10.25
C ALA A 45 3.84 -10.80 -10.31
N LYS A 46 2.80 -11.61 -10.17
CA LYS A 46 1.43 -11.12 -10.20
C LYS A 46 1.18 -10.14 -9.06
N TYR A 47 1.78 -10.42 -7.91
CA TYR A 47 1.61 -9.57 -6.74
C TYR A 47 2.30 -8.22 -6.95
N HIS A 48 3.52 -8.26 -7.48
CA HIS A 48 4.28 -7.05 -7.73
C HIS A 48 3.59 -6.18 -8.79
N MET A 49 3.13 -6.82 -9.86
CA MET A 49 2.45 -6.11 -10.94
C MET A 49 1.14 -5.50 -10.45
N GLN A 50 0.42 -6.24 -9.62
CA GLN A 50 -0.85 -5.77 -9.08
C GLN A 50 -0.65 -4.56 -8.18
N ARG A 51 0.45 -4.56 -7.42
CA ARG A 51 0.76 -3.47 -6.51
C ARG A 51 1.19 -2.23 -7.29
N CYS A 52 1.99 -2.42 -8.33
CA CYS A 52 2.47 -1.32 -9.15
C CYS A 52 1.30 -0.64 -9.87
N ILE A 53 0.34 -1.43 -10.32
CA ILE A 53 -0.83 -0.90 -11.02
C ILE A 53 -1.70 -0.06 -10.09
N ASP A 54 -1.94 -0.58 -8.89
CA ASP A 54 -2.75 0.12 -7.90
C ASP A 54 -2.04 1.36 -7.39
N SER A 55 -0.70 1.33 -7.41
CA SER A 55 0.09 2.44 -6.95
C SER A 55 0.59 3.28 -8.13
N GLY A 56 0.12 2.94 -9.33
CA GLY A 56 0.53 3.66 -10.51
C GLY A 56 2.04 3.83 -10.61
N LEU A 57 2.77 2.87 -10.05
CA LEU A 57 4.22 2.91 -10.07
C LEU A 57 4.75 2.38 -11.40
N TRP A 58 4.07 1.40 -11.96
CA TRP A 58 4.47 0.81 -13.24
C TRP A 58 3.30 0.78 -14.22
N VAL A 59 3.60 0.96 -15.50
CA VAL A 59 2.58 0.95 -16.53
C VAL A 59 2.48 -0.42 -17.19
N PRO A 60 1.30 -1.06 -17.09
CA PRO A 60 1.05 -2.37 -17.67
C PRO A 60 1.00 -2.33 -19.20
N ASN A 61 -0.18 -2.02 -19.73
CA ASN A 61 -0.36 -1.95 -21.18
C ASN A 61 0.04 -3.26 -21.84
N SER A 62 -0.89 -4.21 -21.88
CA SER A 62 -0.63 -5.51 -22.49
C SER A 62 -1.91 -6.11 -23.05
N LYS A 63 -2.80 -6.54 -22.16
CA LYS A 63 -4.07 -7.13 -22.58
C LYS A 63 -4.92 -7.48 -21.36
N ALA A 64 -4.27 -7.91 -20.29
CA ALA A 64 -4.98 -8.27 -19.05
C ALA A 64 -5.74 -7.07 -18.50
N SER A 65 -6.24 -7.22 -17.28
CA SER A 65 -7.00 -6.15 -16.62
C SER A 65 -7.22 -6.47 -15.15
N GLU A 66 -6.29 -6.02 -14.30
CA GLU A 66 -6.39 -6.26 -12.87
C GLU A 66 -7.74 -5.80 -12.33
N ALA A 67 -8.42 -6.69 -11.60
CA ALA A 67 -9.72 -6.38 -11.03
C ALA A 67 -9.58 -5.84 -9.61
N LYS A 68 -10.71 -5.71 -8.92
CA LYS A 68 -10.72 -5.20 -7.56
C LYS A 68 -11.89 -5.78 -6.76
N GLU A 69 -11.72 -5.89 -5.45
CA GLU A 69 -12.76 -6.43 -4.59
C GLU A 69 -12.52 -6.04 -3.13
N GLY A 70 -13.38 -6.54 -2.24
CA GLY A 70 -13.24 -6.23 -0.83
C GLY A 70 -13.15 -4.74 -0.56
N GLU A 71 -12.86 -4.37 0.68
CA GLU A 71 -12.75 -2.96 1.06
C GLU A 71 -12.27 -2.83 2.50
N GLU A 72 -13.17 -3.11 3.44
CA GLU A 72 -12.84 -3.02 4.86
C GLU A 72 -12.23 -1.65 5.18
N ALA A 73 -13.03 -0.60 5.04
CA ALA A 73 -12.58 0.75 5.33
C ALA A 73 -13.35 1.36 6.49
N GLY A 74 -12.76 1.27 7.69
CA GLY A 74 -13.40 1.80 8.88
C GLY A 74 -13.35 0.85 10.05
N PRO A 75 -12.16 0.65 10.62
CA PRO A 75 -11.95 -0.24 11.75
C PRO A 75 -12.58 0.30 13.03
N GLY A 76 -12.49 1.61 13.23
CA GLY A 76 -13.05 2.22 14.42
C GLY A 76 -12.15 2.08 15.63
N ASP A 77 -12.68 2.41 16.80
CA ASP A 77 -11.92 2.31 18.05
C ASP A 77 -10.59 3.05 17.92
N PRO A 78 -10.66 4.39 17.80
CA PRO A 78 -9.47 5.24 17.67
C PRO A 78 -8.66 5.29 18.95
N LEU A 79 -9.03 6.21 19.84
CA LEU A 79 -8.32 6.36 21.11
C LEU A 79 -9.27 6.11 22.28
N LEU A 80 -10.12 7.09 22.57
CA LEU A 80 -11.08 6.96 23.67
C LEU A 80 -12.06 8.12 23.65
N GLU A 81 -13.26 7.88 24.19
CA GLU A 81 -14.29 8.91 24.24
C GLU A 81 -14.63 9.27 25.68
N ALA A 82 -13.63 9.76 26.40
CA ALA A 82 -13.81 10.14 27.80
C ALA A 82 -13.07 11.44 28.12
N VAL A 83 -13.10 11.84 29.38
CA VAL A 83 -12.43 13.06 29.82
C VAL A 83 -11.85 12.90 31.22
N PRO A 84 -10.83 13.70 31.53
CA PRO A 84 -10.17 13.68 32.84
C PRO A 84 -11.07 14.22 33.96
N LYS A 85 -11.26 13.42 34.99
CA LYS A 85 -12.10 13.82 36.12
C LYS A 85 -11.61 15.14 36.71
N THR A 86 -12.52 16.10 36.82
CA THR A 86 -12.19 17.41 37.37
C THR A 86 -11.92 17.32 38.87
N GLY A 87 -10.92 18.06 39.34
CA GLY A 87 -10.57 18.05 40.75
C GLY A 87 -11.69 18.60 41.62
N ASP A 88 -12.02 17.87 42.68
CA ASP A 88 -13.08 18.29 43.60
C ASP A 88 -12.59 19.40 44.51
N GLU A 89 -13.21 20.58 44.39
CA GLU A 89 -12.84 21.72 45.22
C GLU A 89 -13.16 21.46 46.68
N LYS A 90 -14.12 20.58 46.94
CA LYS A 90 -14.52 20.25 48.30
C LYS A 90 -14.97 21.49 49.05
N ASP A 91 -16.28 21.73 49.06
CA ASP A 91 -16.84 22.89 49.75
C ASP A 91 -17.29 22.52 51.16
N VAL A 92 -16.76 21.41 51.67
CA VAL A 92 -17.11 20.94 53.01
C VAL A 92 -16.80 22.00 54.06
N SER A 93 -15.71 22.73 53.85
CA SER A 93 -15.30 23.78 54.78
C SER A 93 -14.31 24.73 54.13
N VAL A 94 -13.31 24.17 53.45
CA VAL A 94 -12.31 24.98 52.77
C VAL A 94 -11.56 25.88 53.76
#